data_5VRM
#
_entry.id   5VRM
#
_cell.length_a   125.350
_cell.length_b   92.680
_cell.length_c   101.930
_cell.angle_alpha   90.00
_cell.angle_beta   105.59
_cell.angle_gamma   90.00
#
_symmetry.space_group_name_H-M   'C 1 2 1'
#
loop_
_entity.id
_entity.type
_entity.pdbx_description
1 polymer 'Enoyl-[acyl-carrier-protein] reductase [NADH]'
2 non-polymer '[[(2~{R},3~{S},4~{R},5~{R})-5-(3-aminocarbonylpyridin-1-ium-1-yl)-3-oxidanyl-4-[[1-oxidanyl-6-[4-(trifluoromethyl)phenoxy]-3~{H}-2,1$l^{4}-benzoxaborol-1-yl]oxy]oxolan-2-yl]methoxy-oxidanyl-phosphoryl] [(2~{R},3~{S},4~{R},5~{R})-5-(6-aminopurin-9-yl)-3,4-bis(oxidanyl)oxolan-2-yl]methyl hydrogen phosphate'
3 water water
#
_entity_poly.entity_id   1
_entity_poly.type   'polypeptide(L)'
_entity_poly.pdbx_seq_one_letter_code
;GSHMTGLLDGKRILVSGIITDSSIAFHIARVAQEQGAQLVLTGFDRLRLIQRITDRLPAKAPLLELDVQNEEHLASLAGR
VTEAIGAGNKLDGVVHSIGFMPQTGMGINPFFDAPYADVSKGIHISAYSYASMAKALLPIMNPGGSIVGMDFDPSRAMPA
YNWMTVAKSALESVNRFVAREAGKYGVRSNLVAAGPIRTLAMSAIVGGALGEEAGAQIQLLEEGWDQRAPIGWNMKDATP
VAKTVCALLSDWLPATTGDIIYADGGAHTQLL
;
_entity_poly.pdbx_strand_id   A,B,C,D
#
loop_
_chem_comp.id
_chem_comp.type
_chem_comp.name
_chem_comp.formula
9JJ non-polymer '[[(2~{R},3~{S},4~{R},5~{R})-5-(3-aminocarbonylpyridin-1-ium-1-yl)-3-oxidanyl-4-[[1-oxidanyl-6-[4-(trifluoromethyl)phenoxy]-3~{H}-2,1$l^{4}-benzoxaborol-1-yl]oxy]oxolan-2-yl]methoxy-oxidanyl-phosphoryl] [(2~{R},3~{S},4~{R},5~{R})-5-(6-aminopurin-9-yl)-3,4-bis(oxidanyl)oxolan-2-yl]methyl hydrogen phosphate' 'C35 H37 B F3 N7 O17 P2 1'
#
# COMPACT_ATOMS: atom_id res chain seq x y z
N GLY A 6 -22.04 26.51 10.01
CA GLY A 6 -22.82 25.42 9.33
C GLY A 6 -22.02 24.82 8.17
N LEU A 7 -21.18 23.86 8.51
CA LEU A 7 -20.30 23.19 7.55
C LEU A 7 -21.11 22.57 6.40
N LEU A 8 -22.32 22.11 6.70
CA LEU A 8 -23.18 21.47 5.73
C LEU A 8 -24.45 22.31 5.45
N ASP A 9 -24.33 23.63 5.62
CA ASP A 9 -25.48 24.56 5.46
C ASP A 9 -26.31 24.33 4.18
N GLY A 10 -27.57 23.94 4.36
CA GLY A 10 -28.49 23.73 3.25
C GLY A 10 -28.07 22.63 2.28
N LYS A 11 -27.41 21.58 2.79
CA LYS A 11 -27.14 20.40 1.99
C LYS A 11 -28.16 19.35 2.32
N ARG A 12 -28.64 18.66 1.31
CA ARG A 12 -29.60 17.58 1.48
C ARG A 12 -28.83 16.26 1.45
N ILE A 13 -29.00 15.46 2.50
CA ILE A 13 -28.14 14.31 2.74
C ILE A 13 -28.90 13.10 3.19
N LEU A 14 -28.74 12.01 2.45
CA LEU A 14 -29.35 10.73 2.81
C LEU A 14 -28.40 9.94 3.68
N VAL A 15 -28.92 9.40 4.77
CA VAL A 15 -28.11 8.63 5.73
C VAL A 15 -28.78 7.30 6.05
N SER A 16 -28.09 6.21 5.74
CA SER A 16 -28.58 4.88 5.98
C SER A 16 -27.90 4.31 7.21
N GLY A 17 -28.45 3.21 7.71
CA GLY A 17 -27.76 2.40 8.69
C GLY A 17 -27.95 2.71 10.15
N ILE A 18 -28.94 3.55 10.48
CA ILE A 18 -29.33 3.75 11.90
C ILE A 18 -30.20 2.58 12.36
N ILE A 19 -29.75 1.88 13.41
CA ILE A 19 -30.54 0.85 14.08
C ILE A 19 -30.67 1.15 15.60
N THR A 20 -29.62 1.71 16.21
CA THR A 20 -29.67 2.21 17.59
C THR A 20 -28.99 3.56 17.66
N ASP A 21 -29.05 4.18 18.84
CA ASP A 21 -28.42 5.48 19.04
C ASP A 21 -26.93 5.36 19.31
N SER A 22 -26.43 4.14 19.38
CA SER A 22 -24.99 3.93 19.33
C SER A 22 -24.47 3.65 17.91
N SER A 23 -25.37 3.35 16.96
CA SER A 23 -24.98 3.25 15.53
C SER A 23 -24.10 4.43 15.10
N ILE A 24 -23.05 4.14 14.36
CA ILE A 24 -22.20 5.19 13.82
C ILE A 24 -23.03 6.16 12.95
N ALA A 25 -23.98 5.59 12.19
CA ALA A 25 -24.89 6.38 11.38
C ALA A 25 -25.66 7.43 12.21
N PHE A 26 -26.07 7.05 13.43
CA PHE A 26 -26.80 7.94 14.30
C PHE A 26 -25.99 9.19 14.63
N HIS A 27 -24.72 8.99 14.92
CA HIS A 27 -23.83 10.10 15.26
C HIS A 27 -23.46 10.93 14.07
N ILE A 28 -23.39 10.29 12.89
CA ILE A 28 -23.20 11.03 11.62
C ILE A 28 -24.41 11.94 11.34
N ALA A 29 -25.60 11.35 11.45
CA ALA A 29 -26.86 12.10 11.33
C ALA A 29 -26.92 13.27 12.32
N ARG A 30 -26.56 13.02 13.58
CA ARG A 30 -26.57 14.06 14.63
C ARG A 30 -25.65 15.21 14.28
N VAL A 31 -24.39 14.88 13.97
CA VAL A 31 -23.38 15.91 13.71
C VAL A 31 -23.71 16.68 12.43
N ALA A 32 -24.26 15.98 11.46
CA ALA A 32 -24.68 16.62 10.22
C ALA A 32 -25.79 17.66 10.47
N GLN A 33 -26.76 17.29 11.29
CA GLN A 33 -27.89 18.21 11.63
C GLN A 33 -27.42 19.40 12.42
N GLU A 34 -26.55 19.17 13.40
CA GLU A 34 -25.89 20.28 14.13
C GLU A 34 -25.19 21.23 13.16
N GLN A 35 -24.77 20.72 12.01
CA GLN A 35 -24.07 21.52 10.99
C GLN A 35 -24.96 22.01 9.83
N GLY A 36 -26.28 21.95 10.01
CA GLY A 36 -27.24 22.58 9.07
C GLY A 36 -27.74 21.72 7.92
N ALA A 37 -27.41 20.44 7.92
CA ALA A 37 -27.85 19.55 6.86
C ALA A 37 -29.32 19.19 7.05
N GLN A 38 -30.03 19.05 5.94
CA GLN A 38 -31.37 18.53 5.94
C GLN A 38 -31.24 17.06 5.54
N LEU A 39 -31.72 16.16 6.39
CA LEU A 39 -31.52 14.76 6.19
C LEU A 39 -32.73 14.02 5.72
N VAL A 40 -32.48 12.98 4.93
CA VAL A 40 -33.41 11.90 4.71
C VAL A 40 -32.75 10.66 5.32
N LEU A 41 -33.53 9.80 5.95
CA LEU A 41 -32.99 8.62 6.61
C LEU A 41 -33.57 7.34 6.05
N THR A 42 -32.73 6.30 5.98
CA THR A 42 -33.23 4.98 5.62
C THR A 42 -32.95 3.97 6.71
N GLY A 43 -33.88 3.03 6.84
CA GLY A 43 -33.80 2.01 7.87
C GLY A 43 -34.25 0.69 7.31
N PHE A 44 -33.80 -0.38 7.95
CA PHE A 44 -33.87 -1.67 7.33
C PHE A 44 -35.09 -2.48 7.77
N ASP A 45 -35.08 -2.98 9.00
CA ASP A 45 -36.00 -4.08 9.36
C ASP A 45 -36.99 -3.68 10.42
N ARG A 46 -36.48 -3.34 11.60
CA ARG A 46 -37.27 -2.90 12.72
C ARG A 46 -37.59 -1.40 12.56
N LEU A 47 -38.44 -1.08 11.57
CA LEU A 47 -38.78 0.31 11.24
C LEU A 47 -39.44 1.08 12.40
N ARG A 48 -40.34 0.43 13.12
CA ARG A 48 -41.04 1.11 14.23
C ARG A 48 -40.00 1.50 15.29
N LEU A 49 -39.13 0.55 15.66
CA LEU A 49 -38.05 0.82 16.61
C LEU A 49 -37.14 1.94 16.09
N ILE A 50 -36.78 1.90 14.81
CA ILE A 50 -35.89 2.93 14.22
C ILE A 50 -36.50 4.34 14.29
N GLN A 51 -37.80 4.45 13.99
CA GLN A 51 -38.48 5.75 14.09
C GLN A 51 -38.35 6.34 15.53
N ARG A 52 -38.46 5.48 16.55
CA ARG A 52 -38.32 5.90 17.96
C ARG A 52 -36.91 6.42 18.24
N ILE A 53 -35.91 5.74 17.68
CA ILE A 53 -34.51 6.14 17.81
C ILE A 53 -34.22 7.47 17.10
N THR A 54 -34.73 7.61 15.88
CA THR A 54 -34.48 8.82 15.08
C THR A 54 -35.20 10.08 15.64
N ASP A 55 -36.28 9.87 16.42
CA ASP A 55 -36.96 10.96 17.16
C ASP A 55 -36.01 11.71 18.08
N ARG A 56 -34.93 11.03 18.51
CA ARG A 56 -33.95 11.62 19.44
C ARG A 56 -32.87 12.49 18.77
N LEU A 57 -32.92 12.59 17.45
CA LEU A 57 -32.01 13.47 16.75
C LEU A 57 -32.42 14.92 16.99
N PRO A 58 -31.45 15.85 16.88
CA PRO A 58 -31.79 17.27 17.09
C PRO A 58 -32.87 17.83 16.15
N ALA A 59 -33.12 17.19 15.01
CA ALA A 59 -34.15 17.67 14.05
C ALA A 59 -34.94 16.55 13.34
N LYS A 60 -36.07 16.95 12.77
CA LYS A 60 -36.99 16.02 12.12
C LYS A 60 -36.42 15.61 10.82
N ALA A 61 -36.63 14.36 10.45
CA ALA A 61 -36.13 13.84 9.18
C ALA A 61 -37.00 12.69 8.74
N PRO A 62 -37.48 12.71 7.50
CA PRO A 62 -38.29 11.61 7.04
C PRO A 62 -37.47 10.27 7.00
N LEU A 63 -38.17 9.16 7.26
CA LEU A 63 -37.60 7.86 7.39
C LEU A 63 -38.21 6.93 6.35
N LEU A 64 -37.36 6.39 5.48
CA LEU A 64 -37.79 5.53 4.37
C LEU A 64 -37.29 4.10 4.61
N GLU A 65 -38.08 3.12 4.19
CA GLU A 65 -37.69 1.74 4.32
C GLU A 65 -36.70 1.36 3.21
N LEU A 66 -35.55 0.80 3.59
CA LEU A 66 -34.57 0.34 2.62
C LEU A 66 -33.84 -0.91 3.05
N ASP A 67 -34.18 -2.00 2.37
CA ASP A 67 -33.48 -3.27 2.48
C ASP A 67 -32.64 -3.38 1.22
N VAL A 68 -31.33 -3.23 1.37
CA VAL A 68 -30.42 -3.19 0.20
C VAL A 68 -30.44 -4.48 -0.63
N GLN A 69 -30.84 -5.58 -0.01
CA GLN A 69 -31.06 -6.85 -0.73
C GLN A 69 -32.35 -6.89 -1.57
N ASN A 70 -33.23 -5.92 -1.38
CA ASN A 70 -34.53 -5.89 -2.05
C ASN A 70 -34.52 -4.98 -3.29
N GLU A 71 -34.51 -5.61 -4.46
CA GLU A 71 -34.46 -4.91 -5.74
C GLU A 71 -35.58 -3.87 -5.94
N GLU A 72 -36.77 -4.18 -5.45
CA GLU A 72 -37.95 -3.28 -5.56
C GLU A 72 -37.74 -2.00 -4.72
N HIS A 73 -37.24 -2.17 -3.51
CA HIS A 73 -36.90 -1.03 -2.64
C HIS A 73 -35.88 -0.10 -3.31
N LEU A 74 -34.85 -0.70 -3.94
CA LEU A 74 -33.84 0.06 -4.69
C LEU A 74 -34.42 0.76 -5.92
N ALA A 75 -35.30 0.08 -6.64
CA ALA A 75 -35.92 0.64 -7.82
C ALA A 75 -36.82 1.84 -7.46
N SER A 76 -37.48 1.78 -6.30
CA SER A 76 -38.39 2.84 -5.90
C SER A 76 -37.72 3.93 -5.08
N LEU A 77 -36.45 3.74 -4.74
CA LEU A 77 -35.78 4.60 -3.75
C LEU A 77 -35.71 6.06 -4.16
N ALA A 78 -35.22 6.31 -5.36
CA ALA A 78 -35.03 7.68 -5.84
C ALA A 78 -36.35 8.47 -5.86
N GLY A 79 -37.41 7.82 -6.34
CA GLY A 79 -38.74 8.42 -6.39
C GLY A 79 -39.25 8.70 -5.00
N ARG A 80 -39.08 7.74 -4.08
CA ARG A 80 -39.47 7.91 -2.68
C ARG A 80 -38.66 9.03 -1.99
N VAL A 81 -37.40 9.18 -2.36
CA VAL A 81 -36.55 10.25 -1.80
C VAL A 81 -36.99 11.63 -2.27
N THR A 82 -37.14 11.79 -3.59
CA THR A 82 -37.56 13.08 -4.19
C THR A 82 -38.91 13.56 -3.64
N GLU A 83 -39.82 12.62 -3.40
CA GLU A 83 -41.09 12.93 -2.74
C GLU A 83 -40.86 13.56 -1.36
N ALA A 84 -39.93 12.98 -0.60
CA ALA A 84 -39.63 13.44 0.76
C ALA A 84 -38.88 14.78 0.83
N ILE A 85 -38.00 15.03 -0.14
CA ILE A 85 -37.26 16.32 -0.20
C ILE A 85 -37.92 17.37 -1.12
N GLY A 86 -38.94 16.94 -1.83
CA GLY A 86 -39.70 17.80 -2.72
C GLY A 86 -39.16 17.72 -4.13
N ALA A 87 -40.06 17.48 -5.09
CA ALA A 87 -39.66 17.40 -6.51
C ALA A 87 -39.01 18.72 -6.96
N GLY A 88 -38.01 18.60 -7.83
CA GLY A 88 -37.17 19.74 -8.21
C GLY A 88 -35.90 19.83 -7.38
N ASN A 89 -35.89 19.18 -6.21
CA ASN A 89 -34.73 19.20 -5.33
C ASN A 89 -33.92 17.93 -5.45
N LYS A 90 -32.61 18.06 -5.28
CA LYS A 90 -31.70 16.90 -5.36
C LYS A 90 -30.82 16.77 -4.09
N LEU A 91 -30.17 15.62 -3.98
CA LEU A 91 -29.26 15.33 -2.88
C LEU A 91 -27.86 15.84 -3.15
N ASP A 92 -27.23 16.35 -2.11
CA ASP A 92 -25.81 16.72 -2.14
C ASP A 92 -24.91 15.65 -1.46
N GLY A 93 -25.54 14.68 -0.79
CA GLY A 93 -24.84 13.79 0.09
C GLY A 93 -25.55 12.47 0.27
N VAL A 94 -24.76 11.40 0.32
CA VAL A 94 -25.27 10.03 0.59
C VAL A 94 -24.30 9.33 1.53
N VAL A 95 -24.84 8.73 2.59
CA VAL A 95 -24.01 8.01 3.56
C VAL A 95 -24.45 6.55 3.65
N HIS A 96 -23.52 5.69 3.29
CA HIS A 96 -23.66 4.25 3.41
C HIS A 96 -22.98 3.84 4.69
N SER A 97 -23.75 3.40 5.65
CA SER A 97 -23.20 2.98 6.94
C SER A 97 -23.89 1.68 7.28
N ILE A 98 -23.70 0.72 6.40
CA ILE A 98 -24.39 -0.55 6.44
C ILE A 98 -23.37 -1.67 6.35
N GLY A 99 -23.42 -2.59 7.31
CA GLY A 99 -22.57 -3.76 7.33
C GLY A 99 -23.32 -4.94 7.91
N PHE A 100 -23.02 -6.12 7.41
CA PHE A 100 -23.54 -7.36 7.96
C PHE A 100 -22.76 -8.56 7.47
N MET A 101 -22.53 -9.50 8.39
CA MET A 101 -22.01 -10.79 8.06
C MET A 101 -22.63 -11.80 9.02
N PRO A 102 -23.19 -12.91 8.52
CA PRO A 102 -23.66 -13.92 9.49
C PRO A 102 -22.60 -14.42 10.48
N GLN A 103 -23.06 -14.89 11.64
CA GLN A 103 -22.16 -15.35 12.70
C GLN A 103 -21.14 -16.39 12.22
N THR A 104 -21.52 -17.23 11.26
CA THR A 104 -20.61 -18.26 10.76
C THR A 104 -19.38 -17.66 10.11
N GLY A 105 -19.51 -16.44 9.56
CA GLY A 105 -18.43 -15.75 8.90
C GLY A 105 -17.59 -14.90 9.81
N MET A 106 -17.84 -14.99 11.12
CA MET A 106 -17.16 -14.10 12.08
C MET A 106 -16.86 -14.74 13.45
N GLY A 107 -15.99 -14.06 14.20
CA GLY A 107 -15.68 -14.40 15.58
C GLY A 107 -14.95 -15.72 15.79
N ILE A 108 -15.46 -16.52 16.72
CA ILE A 108 -14.85 -17.79 17.11
C ILE A 108 -14.98 -18.86 16.02
N ASN A 109 -15.96 -18.73 15.14
CA ASN A 109 -16.19 -19.73 14.08
C ASN A 109 -15.00 -19.81 13.11
N PRO A 110 -14.49 -21.03 12.86
CA PRO A 110 -13.33 -21.12 11.99
C PRO A 110 -13.60 -20.55 10.61
N PHE A 111 -12.61 -19.83 10.08
CA PHE A 111 -12.66 -19.20 8.77
C PHE A 111 -13.15 -20.14 7.68
N PHE A 112 -12.66 -21.38 7.69
CA PHE A 112 -12.98 -22.35 6.63
C PHE A 112 -14.40 -22.92 6.69
N ASP A 113 -15.10 -22.74 7.80
CA ASP A 113 -16.41 -23.38 7.98
C ASP A 113 -17.58 -22.49 7.55
N ALA A 114 -17.31 -21.24 7.18
CA ALA A 114 -18.37 -20.37 6.70
C ALA A 114 -18.82 -20.81 5.30
N PRO A 115 -20.07 -21.28 5.15
CA PRO A 115 -20.52 -21.66 3.82
C PRO A 115 -20.78 -20.43 2.93
N TYR A 116 -20.66 -20.60 1.62
CA TYR A 116 -20.70 -19.45 0.72
C TYR A 116 -22.01 -18.66 0.83
N ALA A 117 -23.13 -19.35 0.98
CA ALA A 117 -24.42 -18.66 1.10
C ALA A 117 -24.35 -17.52 2.14
N ASP A 118 -23.75 -17.82 3.29
CA ASP A 118 -23.56 -16.84 4.34
C ASP A 118 -22.61 -15.73 3.93
N VAL A 119 -21.46 -16.10 3.38
CA VAL A 119 -20.49 -15.12 2.93
C VAL A 119 -21.06 -14.21 1.85
N SER A 120 -21.78 -14.82 0.92
CA SER A 120 -22.36 -14.11 -0.22
C SER A 120 -23.35 -13.04 0.26
N LYS A 121 -24.21 -13.43 1.21
CA LYS A 121 -25.14 -12.49 1.83
C LYS A 121 -24.39 -11.32 2.47
N GLY A 122 -23.33 -11.62 3.21
CA GLY A 122 -22.54 -10.58 3.87
C GLY A 122 -21.90 -9.61 2.89
N ILE A 123 -21.39 -10.16 1.80
CA ILE A 123 -20.78 -9.34 0.74
C ILE A 123 -21.81 -8.50 0.03
N HIS A 124 -23.00 -9.08 -0.17
CA HIS A 124 -24.09 -8.42 -0.81
C HIS A 124 -24.41 -7.14 -0.04
N ILE A 125 -24.68 -7.32 1.24
CA ILE A 125 -25.10 -6.24 2.10
C ILE A 125 -23.96 -5.24 2.37
N SER A 126 -22.74 -5.76 2.53
CA SER A 126 -21.60 -4.93 2.97
C SER A 126 -20.80 -4.26 1.85
N ALA A 127 -20.80 -4.84 0.65
CA ALA A 127 -19.98 -4.32 -0.47
C ALA A 127 -20.78 -3.95 -1.69
N TYR A 128 -21.52 -4.91 -2.24
CA TYR A 128 -22.28 -4.70 -3.47
C TYR A 128 -23.33 -3.57 -3.30
N SER A 129 -23.95 -3.49 -2.12
CA SER A 129 -24.96 -2.49 -1.84
C SER A 129 -24.47 -1.06 -1.97
N TYR A 130 -23.19 -0.84 -1.73
CA TYR A 130 -22.61 0.49 -1.95
C TYR A 130 -22.75 0.92 -3.43
N ALA A 131 -22.60 -0.05 -4.33
CA ALA A 131 -22.77 0.22 -5.75
C ALA A 131 -24.24 0.39 -6.10
N SER A 132 -25.11 -0.45 -5.56
CA SER A 132 -26.52 -0.36 -5.94
C SER A 132 -27.19 0.92 -5.37
N MET A 133 -26.80 1.33 -4.19
CA MET A 133 -27.23 2.64 -3.67
C MET A 133 -26.73 3.78 -4.56
N ALA A 134 -25.52 3.67 -5.04
CA ALA A 134 -24.95 4.71 -5.91
C ALA A 134 -25.69 4.75 -7.26
N LYS A 135 -25.98 3.58 -7.80
CA LYS A 135 -26.79 3.46 -9.02
C LYS A 135 -28.17 4.10 -8.84
N ALA A 136 -28.81 3.78 -7.72
CA ALA A 136 -30.18 4.27 -7.43
C ALA A 136 -30.24 5.78 -7.18
N LEU A 137 -29.17 6.35 -6.62
CA LEU A 137 -29.24 7.75 -6.12
C LEU A 137 -28.46 8.77 -6.92
N LEU A 138 -27.46 8.34 -7.68
CA LEU A 138 -26.69 9.29 -8.53
C LEU A 138 -27.57 10.12 -9.46
N PRO A 139 -28.59 9.50 -10.09
CA PRO A 139 -29.50 10.27 -10.95
C PRO A 139 -30.21 11.45 -10.25
N ILE A 140 -30.44 11.35 -8.93
CA ILE A 140 -30.98 12.49 -8.15
C ILE A 140 -29.92 13.17 -7.25
N MET A 141 -28.68 13.28 -7.75
CA MET A 141 -27.61 13.96 -7.00
C MET A 141 -27.06 15.19 -7.75
N ASN A 142 -26.80 16.27 -7.00
CA ASN A 142 -26.19 17.49 -7.58
C ASN A 142 -24.69 17.39 -7.78
N PRO A 143 -24.16 18.13 -8.77
CA PRO A 143 -22.71 18.23 -8.90
C PRO A 143 -22.12 18.79 -7.65
N GLY A 144 -20.90 18.41 -7.33
CA GLY A 144 -20.26 18.82 -6.09
C GLY A 144 -20.62 17.91 -4.93
N GLY A 145 -21.53 16.97 -5.17
CA GLY A 145 -22.00 16.04 -4.16
C GLY A 145 -20.98 15.00 -3.75
N SER A 146 -21.35 14.24 -2.72
CA SER A 146 -20.41 13.36 -2.02
C SER A 146 -21.10 12.10 -1.53
N ILE A 147 -20.56 10.95 -1.92
CA ILE A 147 -21.00 9.66 -1.39
C ILE A 147 -19.93 9.15 -0.45
N VAL A 148 -20.35 8.63 0.69
CA VAL A 148 -19.43 8.19 1.73
C VAL A 148 -19.88 6.88 2.33
N GLY A 149 -18.97 5.92 2.39
CA GLY A 149 -19.23 4.62 3.03
C GLY A 149 -18.30 4.38 4.17
N MET A 150 -18.65 3.41 5.03
CA MET A 150 -17.84 3.07 6.21
C MET A 150 -16.98 1.81 5.98
N ASP A 151 -15.72 1.93 6.37
CA ASP A 151 -14.73 0.95 6.15
C ASP A 151 -14.06 0.57 7.48
N PHE A 152 -13.47 -0.61 7.52
CA PHE A 152 -12.54 -1.01 8.61
C PHE A 152 -11.30 -1.59 7.89
N ASP A 153 -10.13 -0.97 8.08
CA ASP A 153 -8.95 -1.27 7.28
C ASP A 153 -8.70 -2.78 7.10
N PRO A 154 -8.89 -3.30 5.87
CA PRO A 154 -8.81 -4.74 5.69
C PRO A 154 -7.51 -5.16 4.98
N SER A 155 -6.51 -4.29 4.95
CA SER A 155 -5.30 -4.53 4.24
C SER A 155 -4.35 -5.57 4.89
N ARG A 156 -4.59 -5.90 6.15
CA ARG A 156 -3.89 -7.00 6.86
C ARG A 156 -4.92 -7.89 7.50
N ALA A 157 -4.69 -9.19 7.51
CA ALA A 157 -5.67 -10.07 8.16
C ALA A 157 -5.58 -9.92 9.68
N MET A 158 -6.65 -10.28 10.35
CA MET A 158 -6.75 -10.14 11.80
C MET A 158 -7.71 -11.14 12.34
N PRO A 159 -7.53 -11.55 13.59
CA PRO A 159 -8.44 -12.56 14.14
C PRO A 159 -9.86 -12.02 14.31
N ALA A 160 -10.82 -12.95 14.28
CA ALA A 160 -12.25 -12.66 14.51
C ALA A 160 -12.96 -11.96 13.34
N TYR A 161 -12.41 -10.84 12.83
CA TYR A 161 -13.10 -10.05 11.78
C TYR A 161 -13.35 -10.92 10.51
N ASN A 162 -12.43 -11.85 10.24
CA ASN A 162 -12.63 -12.97 9.29
C ASN A 162 -13.22 -12.57 7.94
N TRP A 163 -14.40 -13.08 7.59
CA TRP A 163 -14.99 -12.79 6.28
C TRP A 163 -15.53 -11.38 6.13
N MET A 164 -15.75 -10.68 7.23
CA MET A 164 -16.11 -9.28 7.12
C MET A 164 -14.92 -8.49 6.59
N THR A 165 -13.71 -8.90 6.94
CA THR A 165 -12.50 -8.29 6.36
C THR A 165 -12.51 -8.43 4.83
N VAL A 166 -12.93 -9.59 4.35
CA VAL A 166 -12.98 -9.87 2.93
C VAL A 166 -14.01 -8.98 2.28
N ALA A 167 -15.18 -8.89 2.91
CA ALA A 167 -16.22 -7.94 2.49
C ALA A 167 -15.71 -6.52 2.42
N LYS A 168 -14.99 -6.06 3.43
CA LYS A 168 -14.41 -4.69 3.37
C LYS A 168 -13.39 -4.51 2.26
N SER A 169 -12.56 -5.52 2.00
CA SER A 169 -11.62 -5.46 0.90
C SER A 169 -12.35 -5.27 -0.43
N ALA A 170 -13.45 -6.01 -0.59
CA ALA A 170 -14.29 -5.89 -1.77
C ALA A 170 -14.89 -4.48 -1.84
N LEU A 171 -15.38 -3.98 -0.71
CA LEU A 171 -15.93 -2.63 -0.65
C LEU A 171 -14.97 -1.57 -1.12
N GLU A 172 -13.71 -1.65 -0.68
CA GLU A 172 -12.73 -0.68 -1.08
C GLU A 172 -12.60 -0.66 -2.59
N SER A 173 -12.57 -1.85 -3.17
CA SER A 173 -12.45 -1.98 -4.61
C SER A 173 -13.72 -1.44 -5.32
N VAL A 174 -14.87 -1.79 -4.79
CA VAL A 174 -16.13 -1.25 -5.32
C VAL A 174 -16.16 0.30 -5.26
N ASN A 175 -15.67 0.87 -4.16
CA ASN A 175 -15.54 2.31 -4.04
C ASN A 175 -14.77 2.98 -5.19
N ARG A 176 -13.71 2.33 -5.68
CA ARG A 176 -12.88 2.96 -6.74
C ARG A 176 -13.63 2.99 -8.07
N PHE A 177 -14.49 2.01 -8.29
CA PHE A 177 -15.32 1.94 -9.48
C PHE A 177 -16.54 2.87 -9.39
N VAL A 178 -17.14 2.94 -8.21
CA VAL A 178 -18.19 3.89 -7.99
C VAL A 178 -17.67 5.30 -8.27
N ALA A 179 -16.43 5.57 -7.89
CA ALA A 179 -15.85 6.89 -8.11
C ALA A 179 -15.81 7.25 -9.60
N ARG A 180 -15.55 6.27 -10.46
CA ARG A 180 -15.55 6.48 -11.93
C ARG A 180 -16.92 6.91 -12.42
N GLU A 181 -17.95 6.16 -12.03
CA GLU A 181 -19.32 6.48 -12.43
C GLU A 181 -19.81 7.82 -11.83
N ALA A 182 -19.59 7.98 -10.54
CA ALA A 182 -20.00 9.19 -9.83
C ALA A 182 -19.32 10.46 -10.39
N GLY A 183 -18.12 10.29 -10.92
CA GLY A 183 -17.38 11.40 -11.50
C GLY A 183 -18.05 12.02 -12.71
N LYS A 184 -18.77 11.19 -13.46
CA LYS A 184 -19.54 11.67 -14.60
C LYS A 184 -20.64 12.65 -14.18
N TYR A 185 -21.06 12.58 -12.91
CA TYR A 185 -22.09 13.47 -12.35
C TYR A 185 -21.50 14.62 -11.51
N GLY A 186 -20.17 14.75 -11.50
CA GLY A 186 -19.47 15.70 -10.62
C GLY A 186 -19.55 15.31 -9.15
N VAL A 187 -19.78 14.02 -8.88
CA VAL A 187 -19.96 13.51 -7.52
C VAL A 187 -18.72 12.70 -7.08
N ARG A 188 -18.28 12.92 -5.86
CA ARG A 188 -17.17 12.22 -5.25
C ARG A 188 -17.64 10.95 -4.53
N SER A 189 -16.76 9.95 -4.45
CA SER A 189 -17.05 8.74 -3.70
C SER A 189 -15.84 8.40 -2.85
N ASN A 190 -16.04 8.24 -1.55
CA ASN A 190 -14.96 7.89 -0.64
C ASN A 190 -15.40 7.04 0.52
N LEU A 191 -14.44 6.43 1.19
CA LEU A 191 -14.71 5.63 2.37
C LEU A 191 -14.00 6.21 3.57
N VAL A 192 -14.63 6.07 4.72
CA VAL A 192 -13.97 6.42 5.96
C VAL A 192 -13.63 5.14 6.68
N ALA A 193 -12.35 4.96 6.96
CA ALA A 193 -11.88 3.78 7.68
C ALA A 193 -11.81 4.16 9.11
N ALA A 194 -12.72 3.64 9.90
CA ALA A 194 -12.79 3.97 11.33
C ALA A 194 -12.01 3.00 12.18
N GLY A 195 -11.51 3.50 13.30
CA GLY A 195 -11.08 2.62 14.39
C GLY A 195 -12.30 1.90 14.99
N PRO A 196 -12.07 0.93 15.87
CA PRO A 196 -13.16 0.19 16.47
C PRO A 196 -14.02 1.08 17.38
N ILE A 197 -15.33 0.83 17.36
CA ILE A 197 -16.31 1.60 18.08
C ILE A 197 -17.31 0.66 18.74
N ARG A 198 -17.66 0.95 20.01
CA ARG A 198 -18.67 0.20 20.76
C ARG A 198 -20.07 0.51 20.26
N THR A 199 -20.58 -0.32 19.36
CA THR A 199 -21.92 -0.17 18.79
C THR A 199 -22.75 -1.41 19.15
N LEU A 200 -24.00 -1.44 18.73
CA LEU A 200 -24.82 -2.65 18.85
C LEU A 200 -24.16 -3.81 18.11
N ALA A 201 -23.70 -3.56 16.88
CA ALA A 201 -23.12 -4.62 16.04
C ALA A 201 -21.93 -5.32 16.72
N MET A 202 -21.12 -4.54 17.45
CA MET A 202 -20.00 -5.11 18.20
C MET A 202 -20.42 -6.29 19.04
N SER A 203 -21.63 -6.21 19.59
CA SER A 203 -22.13 -7.33 20.42
C SER A 203 -21.87 -8.71 19.77
N ALA A 204 -22.09 -8.80 18.45
CA ALA A 204 -21.88 -10.02 17.70
C ALA A 204 -20.43 -10.10 17.23
N GLY A 215 -12.08 -13.57 21.69
CA GLY A 215 -12.42 -12.51 22.65
C GLY A 215 -11.19 -11.82 23.25
N ALA A 216 -10.25 -12.65 23.73
CA ALA A 216 -8.95 -12.19 24.22
C ALA A 216 -8.13 -11.47 23.14
N GLN A 217 -8.25 -11.93 21.89
CA GLN A 217 -7.53 -11.34 20.75
C GLN A 217 -8.17 -10.04 20.27
N ILE A 218 -9.51 -9.98 20.27
CA ILE A 218 -10.24 -8.75 19.99
C ILE A 218 -9.93 -7.66 21.06
N GLN A 219 -9.86 -8.03 22.34
CA GLN A 219 -9.48 -7.06 23.38
C GLN A 219 -8.05 -6.56 23.16
N LEU A 220 -7.12 -7.48 22.89
CA LEU A 220 -5.74 -7.10 22.56
C LEU A 220 -5.66 -6.20 21.32
N LEU A 221 -6.53 -6.45 20.34
CA LEU A 221 -6.63 -5.58 19.15
C LEU A 221 -7.10 -4.16 19.51
N GLU A 222 -8.12 -4.05 20.37
CA GLU A 222 -8.64 -2.74 20.86
C GLU A 222 -7.60 -1.94 21.64
N GLU A 223 -7.00 -2.58 22.65
CA GLU A 223 -6.03 -1.90 23.52
C GLU A 223 -4.82 -1.56 22.72
N GLY A 224 -4.43 -2.46 21.82
CA GLY A 224 -3.37 -2.19 20.89
C GLY A 224 -3.72 -0.96 20.08
N TRP A 225 -5.01 -0.84 19.72
CA TRP A 225 -5.50 0.37 19.05
C TRP A 225 -5.12 1.67 19.72
N ASP A 226 -5.56 1.89 20.96
CA ASP A 226 -5.21 3.13 21.67
C ASP A 226 -3.68 3.31 21.76
N GLN A 227 -2.97 2.21 22.00
CA GLN A 227 -1.52 2.26 22.18
C GLN A 227 -0.83 2.66 20.89
N ARG A 228 -1.25 2.03 19.80
CA ARG A 228 -0.65 2.33 18.46
C ARG A 228 -0.97 3.75 18.00
N ALA A 229 -2.20 4.18 18.25
CA ALA A 229 -2.69 5.51 17.85
C ALA A 229 -1.91 6.60 18.50
N PRO A 230 -1.14 7.38 17.73
CA PRO A 230 -0.33 8.43 18.36
C PRO A 230 -1.15 9.50 19.11
N ILE A 231 -2.41 9.70 18.74
CA ILE A 231 -3.31 10.61 19.51
C ILE A 231 -4.34 9.85 20.32
N GLY A 232 -4.12 8.56 20.50
CA GLY A 232 -5.03 7.75 21.26
C GLY A 232 -6.30 7.42 20.51
N TRP A 233 -7.06 6.50 21.08
CA TRP A 233 -8.30 6.09 20.48
C TRP A 233 -9.25 5.69 21.57
N ASN A 234 -10.48 6.17 21.44
CA ASN A 234 -11.50 5.98 22.42
C ASN A 234 -12.69 5.29 21.80
N MET A 235 -12.83 4.01 22.08
CA MET A 235 -13.87 3.19 21.46
C MET A 235 -15.27 3.61 21.82
N LYS A 236 -15.41 4.34 22.91
CA LYS A 236 -16.73 4.77 23.36
C LYS A 236 -17.26 5.97 22.55
N ASP A 237 -16.35 6.68 21.87
CA ASP A 237 -16.66 7.98 21.25
C ASP A 237 -16.70 7.93 19.71
N ALA A 238 -17.90 7.94 19.15
CA ALA A 238 -18.09 7.94 17.70
C ALA A 238 -17.94 9.31 17.05
N THR A 239 -17.81 10.35 17.84
CA THR A 239 -17.86 11.70 17.32
C THR A 239 -16.72 11.99 16.35
N PRO A 240 -15.48 11.60 16.70
CA PRO A 240 -14.39 11.83 15.71
C PRO A 240 -14.60 11.23 14.30
N VAL A 241 -15.30 10.11 14.18
CA VAL A 241 -15.54 9.52 12.87
C VAL A 241 -16.74 10.20 12.20
N ALA A 242 -17.76 10.52 13.00
CA ALA A 242 -18.89 11.34 12.50
C ALA A 242 -18.39 12.64 11.85
N LYS A 243 -17.48 13.32 12.52
CA LYS A 243 -16.95 14.58 11.99
C LYS A 243 -16.21 14.38 10.69
N THR A 244 -15.43 13.29 10.63
CA THR A 244 -14.66 12.96 9.47
C THR A 244 -15.60 12.73 8.29
N VAL A 245 -16.67 12.00 8.53
CA VAL A 245 -17.65 11.75 7.46
C VAL A 245 -18.25 13.07 6.99
N CYS A 246 -18.60 13.95 7.94
CA CYS A 246 -19.12 15.27 7.61
C CYS A 246 -18.13 16.10 6.83
N ALA A 247 -16.84 15.97 7.17
CA ALA A 247 -15.78 16.65 6.39
C ALA A 247 -15.79 16.22 4.91
N LEU A 248 -16.06 14.95 4.66
CA LEU A 248 -16.13 14.43 3.29
C LEU A 248 -17.41 14.80 2.58
N LEU A 249 -18.50 14.92 3.34
CA LEU A 249 -19.77 15.45 2.79
C LEU A 249 -19.66 16.90 2.44
N SER A 250 -18.75 17.61 3.08
CA SER A 250 -18.59 19.05 2.87
C SER A 250 -17.92 19.38 1.56
N ASP A 251 -17.61 20.65 1.38
CA ASP A 251 -16.93 21.16 0.19
C ASP A 251 -15.43 21.33 0.40
N TRP A 252 -14.93 20.87 1.54
CA TRP A 252 -13.55 21.12 1.92
C TRP A 252 -12.57 20.03 1.51
N LEU A 253 -13.10 18.93 0.95
CA LEU A 253 -12.26 17.90 0.32
C LEU A 253 -12.68 17.64 -1.12
N PRO A 254 -12.60 18.69 -1.96
CA PRO A 254 -13.18 18.67 -3.31
C PRO A 254 -12.37 17.90 -4.37
N ALA A 255 -11.13 17.54 -4.05
CA ALA A 255 -10.27 16.84 -5.01
C ALA A 255 -9.97 15.39 -4.57
N THR A 256 -10.73 14.89 -3.62
CA THR A 256 -10.51 13.55 -3.05
C THR A 256 -11.67 12.67 -3.50
N THR A 257 -11.36 11.63 -4.29
CA THR A 257 -12.35 10.64 -4.66
C THR A 257 -11.70 9.27 -4.94
N GLY A 258 -12.52 8.23 -4.89
CA GLY A 258 -12.05 6.85 -4.99
C GLY A 258 -11.18 6.42 -3.83
N ASP A 259 -11.24 7.18 -2.75
CA ASP A 259 -10.19 7.09 -1.74
C ASP A 259 -10.72 6.62 -0.37
N ILE A 260 -9.78 6.48 0.57
CA ILE A 260 -10.06 6.05 1.91
C ILE A 260 -9.45 7.05 2.87
N ILE A 261 -10.27 7.67 3.72
CA ILE A 261 -9.75 8.54 4.77
C ILE A 261 -9.78 7.75 6.08
N TYR A 262 -8.66 7.75 6.78
CA TYR A 262 -8.52 6.97 8.01
C TYR A 262 -8.84 7.79 9.22
N ALA A 263 -9.94 7.44 9.87
CA ALA A 263 -10.35 8.06 11.12
C ALA A 263 -10.13 7.08 12.25
N ASP A 264 -8.86 6.88 12.60
CA ASP A 264 -8.49 5.73 13.45
C ASP A 264 -7.43 6.06 14.47
N GLY A 265 -7.28 7.35 14.76
CA GLY A 265 -6.24 7.83 15.65
C GLY A 265 -4.84 7.72 15.12
N GLY A 266 -4.69 7.38 13.83
CA GLY A 266 -3.35 7.18 13.24
C GLY A 266 -2.76 5.78 13.45
N ALA A 267 -3.55 4.88 14.00
CA ALA A 267 -3.06 3.54 14.36
C ALA A 267 -2.46 2.78 13.17
N HIS A 268 -3.11 2.86 12.00
CA HIS A 268 -2.65 2.12 10.82
C HIS A 268 -1.28 2.59 10.29
N THR A 269 -0.82 3.74 10.75
CA THR A 269 0.48 4.24 10.34
C THR A 269 1.61 3.82 11.26
N GLN A 270 1.29 3.03 12.29
CA GLN A 270 2.29 2.61 13.30
C GLN A 270 2.31 1.11 13.43
N LEU A 271 3.50 0.52 13.47
CA LEU A 271 3.62 -0.95 13.55
C LEU A 271 3.37 -1.32 14.98
N LEU A 272 4.01 -0.60 15.88
CA LEU A 272 3.59 -0.58 17.27
C LEU A 272 4.10 0.71 17.94
N THR B 5 19.43 -30.70 -8.90
CA THR B 5 19.28 -30.16 -10.30
C THR B 5 17.87 -29.57 -10.57
N GLY B 6 16.86 -30.42 -10.49
CA GLY B 6 15.46 -30.07 -10.66
C GLY B 6 14.88 -29.21 -9.52
N LEU B 7 14.38 -28.01 -9.84
CA LEU B 7 13.87 -27.08 -8.81
C LEU B 7 12.75 -27.66 -7.92
N LEU B 8 11.91 -28.49 -8.53
CA LEU B 8 10.78 -29.11 -7.86
C LEU B 8 10.94 -30.64 -7.75
N ASP B 9 12.20 -31.11 -7.73
CA ASP B 9 12.53 -32.54 -7.67
C ASP B 9 11.72 -33.33 -6.62
N GLY B 10 10.89 -34.26 -7.10
CA GLY B 10 10.10 -35.13 -6.23
C GLY B 10 9.10 -34.41 -5.35
N LYS B 11 8.54 -33.31 -5.85
CA LYS B 11 7.43 -32.64 -5.16
C LYS B 11 6.15 -33.04 -5.84
N ARG B 12 5.14 -33.30 -5.05
CA ARG B 12 3.82 -33.63 -5.56
C ARG B 12 2.95 -32.37 -5.53
N ILE B 13 2.39 -32.04 -6.69
CA ILE B 13 1.77 -30.75 -6.88
C ILE B 13 0.46 -30.86 -7.65
N LEU B 14 -0.60 -30.32 -7.05
CA LEU B 14 -1.90 -30.25 -7.69
C LEU B 14 -2.04 -28.93 -8.43
N VAL B 15 -2.53 -29.00 -9.66
CA VAL B 15 -2.69 -27.83 -10.50
C VAL B 15 -4.06 -27.82 -11.11
N SER B 16 -4.81 -26.76 -10.83
CA SER B 16 -6.15 -26.57 -11.34
C SER B 16 -6.13 -25.56 -12.46
N GLY B 17 -7.23 -25.48 -13.21
CA GLY B 17 -7.46 -24.37 -14.13
C GLY B 17 -6.95 -24.50 -15.55
N ILE B 18 -6.54 -25.71 -15.97
CA ILE B 18 -6.23 -25.96 -17.39
C ILE B 18 -7.54 -26.16 -18.17
N ILE B 19 -7.73 -25.32 -19.18
CA ILE B 19 -8.84 -25.49 -20.15
C ILE B 19 -8.30 -25.53 -21.61
N THR B 20 -7.27 -24.75 -21.91
CA THR B 20 -6.57 -24.86 -23.19
C THR B 20 -5.06 -24.88 -22.95
N ASP B 21 -4.29 -25.06 -24.03
CA ASP B 21 -2.82 -25.01 -23.94
C ASP B 21 -2.27 -23.58 -23.89
N SER B 22 -3.15 -22.59 -24.00
CA SER B 22 -2.77 -21.21 -23.71
C SER B 22 -3.11 -20.80 -22.23
N SER B 23 -3.93 -21.60 -21.53
CA SER B 23 -4.15 -21.40 -20.09
C SER B 23 -2.84 -21.19 -19.35
N ILE B 24 -2.80 -20.22 -18.46
CA ILE B 24 -1.62 -20.01 -17.62
C ILE B 24 -1.29 -21.28 -16.81
N ALA B 25 -2.33 -21.97 -16.34
CA ALA B 25 -2.18 -23.22 -15.63
C ALA B 25 -1.38 -24.26 -16.46
N PHE B 26 -1.63 -24.30 -17.77
CA PHE B 26 -0.96 -25.25 -18.66
C PHE B 26 0.55 -25.03 -18.64
N HIS B 27 0.96 -23.78 -18.69
CA HIS B 27 2.37 -23.43 -18.69
C HIS B 27 3.02 -23.63 -17.33
N ILE B 28 2.25 -23.43 -16.27
CA ILE B 28 2.72 -23.75 -14.92
C ILE B 28 2.98 -25.26 -14.81
N ALA B 29 2.00 -26.04 -15.23
CA ALA B 29 2.12 -27.50 -15.25
C ALA B 29 3.34 -27.94 -16.05
N ARG B 30 3.51 -27.36 -17.24
CA ARG B 30 4.64 -27.69 -18.12
C ARG B 30 5.95 -27.43 -17.43
N VAL B 31 6.12 -26.20 -16.93
CA VAL B 31 7.41 -25.79 -16.34
C VAL B 31 7.70 -26.61 -15.07
N ALA B 32 6.64 -26.91 -14.32
CA ALA B 32 6.77 -27.71 -13.12
C ALA B 32 7.28 -29.12 -13.44
N GLN B 33 6.72 -29.73 -14.49
CA GLN B 33 7.16 -31.06 -14.95
C GLN B 33 8.60 -31.05 -15.47
N GLU B 34 8.94 -30.06 -16.28
CA GLU B 34 10.33 -29.86 -16.71
C GLU B 34 11.26 -29.78 -15.50
N GLN B 35 10.75 -29.33 -14.37
CA GLN B 35 11.53 -29.20 -13.12
C GLN B 35 11.35 -30.37 -12.12
N GLY B 36 10.80 -31.49 -12.57
CA GLY B 36 10.79 -32.74 -11.80
C GLY B 36 9.59 -32.97 -10.90
N ALA B 37 8.57 -32.11 -11.00
CA ALA B 37 7.38 -32.26 -10.18
C ALA B 37 6.52 -33.39 -10.70
N GLN B 38 5.89 -34.11 -9.78
CA GLN B 38 4.86 -35.08 -10.13
C GLN B 38 3.52 -34.37 -9.90
N LEU B 39 2.71 -34.31 -10.94
CA LEU B 39 1.50 -33.50 -10.87
C LEU B 39 0.26 -34.32 -10.78
N VAL B 40 -0.72 -33.74 -10.11
CA VAL B 40 -2.11 -34.13 -10.24
C VAL B 40 -2.80 -32.92 -10.84
N LEU B 41 -3.76 -33.16 -11.72
CA LEU B 41 -4.47 -32.05 -12.39
C LEU B 41 -5.96 -32.09 -12.12
N THR B 42 -6.57 -30.92 -12.02
CA THR B 42 -8.02 -30.83 -11.97
C THR B 42 -8.57 -30.00 -13.12
N GLY B 43 -9.75 -30.40 -13.57
CA GLY B 43 -10.43 -29.74 -14.68
C GLY B 43 -11.91 -29.64 -14.41
N PHE B 44 -12.55 -28.68 -15.06
CA PHE B 44 -13.86 -28.25 -14.63
C PHE B 44 -15.01 -28.90 -15.41
N ASP B 45 -15.20 -28.50 -16.66
CA ASP B 45 -16.46 -28.79 -17.35
C ASP B 45 -16.28 -29.71 -18.56
N ARG B 46 -15.50 -29.24 -19.53
CA ARG B 46 -15.18 -30.00 -20.72
C ARG B 46 -14.02 -30.97 -20.44
N LEU B 47 -14.28 -31.99 -19.61
CA LEU B 47 -13.25 -32.95 -19.17
C LEU B 47 -12.61 -33.73 -20.31
N ARG B 48 -13.42 -34.16 -21.29
CA ARG B 48 -12.88 -34.91 -22.42
C ARG B 48 -11.89 -34.04 -23.18
N LEU B 49 -12.30 -32.81 -23.50
CA LEU B 49 -11.41 -31.86 -24.16
C LEU B 49 -10.13 -31.61 -23.33
N ILE B 50 -10.30 -31.44 -22.02
CA ILE B 50 -9.15 -31.16 -21.14
C ILE B 50 -8.13 -32.32 -21.14
N GLN B 51 -8.61 -33.55 -21.10
CA GLN B 51 -7.73 -34.73 -21.18
C GLN B 51 -6.85 -34.72 -22.45
N ARG B 52 -7.45 -34.32 -23.58
CA ARG B 52 -6.71 -34.18 -24.83
C ARG B 52 -5.61 -33.11 -24.71
N ILE B 53 -5.94 -32.00 -24.09
CA ILE B 53 -4.99 -30.88 -23.90
C ILE B 53 -3.82 -31.30 -22.98
N THR B 54 -4.15 -31.98 -21.87
CA THR B 54 -3.14 -32.39 -20.89
C THR B 54 -2.20 -33.50 -21.42
N ASP B 55 -2.66 -34.26 -22.43
CA ASP B 55 -1.80 -35.23 -23.12
C ASP B 55 -0.57 -34.56 -23.72
N ARG B 56 -0.65 -33.25 -24.00
CA ARG B 56 0.45 -32.51 -24.63
C ARG B 56 1.51 -32.01 -23.67
N LEU B 57 1.30 -32.27 -22.38
CA LEU B 57 2.32 -31.95 -21.40
C LEU B 57 3.51 -32.92 -21.52
N PRO B 58 4.69 -32.50 -21.08
CA PRO B 58 5.87 -33.38 -21.19
C PRO B 58 5.74 -34.72 -20.44
N ALA B 59 4.84 -34.82 -19.45
CA ALA B 59 4.67 -36.06 -18.68
C ALA B 59 3.21 -36.37 -18.30
N LYS B 60 2.97 -37.63 -17.95
CA LYS B 60 1.64 -38.12 -17.61
C LYS B 60 1.23 -37.56 -16.26
N ALA B 61 -0.05 -37.24 -16.14
CA ALA B 61 -0.57 -36.77 -14.87
C ALA B 61 -2.04 -37.09 -14.77
N PRO B 62 -2.46 -37.66 -13.64
CA PRO B 62 -3.87 -38.00 -13.53
C PRO B 62 -4.74 -36.74 -13.51
N LEU B 63 -5.95 -36.85 -14.06
CA LEU B 63 -6.86 -35.74 -14.22
C LEU B 63 -8.14 -36.00 -13.45
N LEU B 64 -8.44 -35.12 -12.49
CA LEU B 64 -9.62 -35.25 -11.63
C LEU B 64 -10.64 -34.19 -11.94
N GLU B 65 -11.93 -34.52 -11.85
CA GLU B 65 -12.97 -33.54 -12.07
C GLU B 65 -13.12 -32.64 -10.83
N LEU B 66 -13.07 -31.33 -11.04
CA LEU B 66 -13.31 -30.38 -9.94
C LEU B 66 -14.04 -29.12 -10.38
N ASP B 67 -15.29 -29.04 -9.94
CA ASP B 67 -16.11 -27.84 -10.05
C ASP B 67 -16.11 -27.21 -8.65
N VAL B 68 -15.41 -26.09 -8.51
CA VAL B 68 -15.25 -25.44 -7.18
C VAL B 68 -16.58 -25.00 -6.54
N GLN B 69 -17.61 -24.81 -7.37
CA GLN B 69 -18.97 -24.53 -6.87
C GLN B 69 -19.70 -25.77 -6.31
N ASN B 70 -19.16 -26.97 -6.57
CA ASN B 70 -19.79 -28.23 -6.18
C ASN B 70 -19.22 -28.77 -4.87
N GLU B 71 -20.03 -28.64 -3.81
CA GLU B 71 -19.64 -29.08 -2.45
C GLU B 71 -19.21 -30.57 -2.38
N GLU B 72 -19.87 -31.43 -3.15
CA GLU B 72 -19.56 -32.87 -3.17
C GLU B 72 -18.17 -33.13 -3.78
N HIS B 73 -17.87 -32.45 -4.87
CA HIS B 73 -16.54 -32.54 -5.50
C HIS B 73 -15.45 -32.12 -4.52
N LEU B 74 -15.71 -31.06 -3.76
CA LEU B 74 -14.76 -30.58 -2.73
C LEU B 74 -14.62 -31.56 -1.57
N ALA B 75 -15.73 -32.12 -1.16
CA ALA B 75 -15.72 -33.10 -0.07
C ALA B 75 -14.93 -34.37 -0.45
N SER B 76 -15.01 -34.76 -1.72
CA SER B 76 -14.35 -36.00 -2.17
C SER B 76 -12.95 -35.77 -2.68
N LEU B 77 -12.55 -34.50 -2.78
CA LEU B 77 -11.30 -34.15 -3.47
C LEU B 77 -10.06 -34.77 -2.86
N ALA B 78 -9.89 -34.62 -1.55
CA ALA B 78 -8.70 -35.12 -0.85
C ALA B 78 -8.53 -36.64 -1.01
N GLY B 79 -9.64 -37.36 -0.85
CA GLY B 79 -9.66 -38.81 -1.03
C GLY B 79 -9.32 -39.20 -2.45
N ARG B 80 -9.92 -38.50 -3.42
CA ARG B 80 -9.64 -38.75 -4.84
C ARG B 80 -8.17 -38.43 -5.19
N VAL B 81 -7.60 -37.42 -4.54
CA VAL B 81 -6.20 -37.07 -4.78
C VAL B 81 -5.25 -38.14 -4.23
N THR B 82 -5.43 -38.51 -2.96
CA THR B 82 -4.55 -39.53 -2.31
C THR B 82 -4.56 -40.86 -3.05
N GLU B 83 -5.71 -41.22 -3.60
CA GLU B 83 -5.82 -42.39 -4.45
C GLU B 83 -4.88 -42.26 -5.67
N ALA B 84 -4.87 -41.09 -6.28
CA ALA B 84 -4.08 -40.85 -7.49
C ALA B 84 -2.56 -40.77 -7.23
N ILE B 85 -2.17 -40.24 -6.08
CA ILE B 85 -0.74 -40.14 -5.71
C ILE B 85 -0.25 -41.29 -4.85
N GLY B 86 -1.19 -42.13 -4.43
CA GLY B 86 -0.88 -43.29 -3.64
C GLY B 86 -1.01 -42.98 -2.17
N ALA B 87 -1.78 -43.80 -1.45
CA ALA B 87 -1.93 -43.62 0.00
C ALA B 87 -0.57 -43.69 0.68
N GLY B 88 -0.39 -42.89 1.74
CA GLY B 88 0.92 -42.73 2.40
C GLY B 88 1.64 -41.48 1.91
N ASN B 89 1.25 -41.00 0.72
CA ASN B 89 1.87 -39.84 0.11
C ASN B 89 1.02 -38.58 0.27
N LYS B 90 1.69 -37.44 0.39
CA LYS B 90 1.02 -36.14 0.52
C LYS B 90 1.47 -35.13 -0.53
N LEU B 91 0.72 -34.02 -0.64
CA LEU B 91 1.05 -32.93 -1.56
C LEU B 91 2.00 -31.94 -0.93
N ASP B 92 2.93 -31.45 -1.74
CA ASP B 92 3.82 -30.37 -1.35
C ASP B 92 3.37 -29.02 -1.93
N GLY B 93 2.41 -29.07 -2.86
CA GLY B 93 2.09 -27.95 -3.71
C GLY B 93 0.65 -27.98 -4.18
N VAL B 94 0.02 -26.80 -4.19
CA VAL B 94 -1.33 -26.62 -4.75
C VAL B 94 -1.36 -25.32 -5.57
N VAL B 95 -1.90 -25.39 -6.78
CA VAL B 95 -2.01 -24.22 -7.66
C VAL B 95 -3.46 -23.93 -8.05
N HIS B 96 -3.93 -22.77 -7.61
CA HIS B 96 -5.25 -22.25 -7.92
C HIS B 96 -5.10 -21.28 -9.07
N SER B 97 -5.59 -21.66 -10.23
CA SER B 97 -5.46 -20.83 -11.42
C SER B 97 -6.82 -20.81 -12.08
N ILE B 98 -7.78 -20.34 -11.31
CA ILE B 98 -9.19 -20.40 -11.64
C ILE B 98 -9.78 -19.02 -11.49
N GLY B 99 -10.42 -18.54 -12.53
CA GLY B 99 -11.12 -17.26 -12.54
C GLY B 99 -12.36 -17.33 -13.42
N PHE B 100 -13.40 -16.62 -13.02
CA PHE B 100 -14.61 -16.49 -13.82
C PHE B 100 -15.48 -15.34 -13.32
N MET B 101 -16.02 -14.60 -14.27
CA MET B 101 -17.03 -13.60 -14.01
C MET B 101 -17.99 -13.57 -15.19
N PRO B 102 -19.30 -13.60 -14.96
CA PRO B 102 -20.20 -13.50 -16.13
C PRO B 102 -20.01 -12.20 -16.94
N GLN B 103 -20.38 -12.26 -18.22
CA GLN B 103 -20.20 -11.13 -19.15
C GLN B 103 -20.82 -9.84 -18.61
N THR B 104 -21.92 -9.94 -17.88
CA THR B 104 -22.56 -8.75 -17.30
C THR B 104 -21.66 -8.01 -16.33
N GLY B 105 -20.76 -8.73 -15.67
CA GLY B 105 -19.82 -8.15 -14.73
C GLY B 105 -18.53 -7.62 -15.34
N MET B 106 -18.43 -7.63 -16.67
CA MET B 106 -17.17 -7.32 -17.35
C MET B 106 -17.31 -6.61 -18.69
N GLY B 107 -16.19 -6.06 -19.15
CA GLY B 107 -16.06 -5.49 -20.50
C GLY B 107 -16.85 -4.22 -20.74
N ILE B 108 -17.58 -4.19 -21.85
CA ILE B 108 -18.38 -3.03 -22.25
C ILE B 108 -19.60 -2.82 -21.33
N ASN B 109 -20.08 -3.87 -20.66
CA ASN B 109 -21.30 -3.75 -19.81
C ASN B 109 -21.11 -2.81 -18.66
N PRO B 110 -22.06 -1.88 -18.47
CA PRO B 110 -21.87 -0.90 -17.41
C PRO B 110 -21.75 -1.57 -16.05
N PHE B 111 -20.81 -1.08 -15.26
CA PHE B 111 -20.54 -1.57 -13.92
C PHE B 111 -21.82 -1.74 -13.09
N PHE B 112 -22.73 -0.76 -13.17
CA PHE B 112 -23.93 -0.75 -12.34
C PHE B 112 -25.00 -1.74 -12.75
N ASP B 113 -24.89 -2.31 -13.94
CA ASP B 113 -25.94 -3.18 -14.45
C ASP B 113 -25.73 -4.67 -14.13
N ALA B 114 -24.60 -5.02 -13.54
CA ALA B 114 -24.34 -6.41 -13.15
C ALA B 114 -25.17 -6.80 -11.93
N PRO B 115 -26.10 -7.76 -12.09
CA PRO B 115 -26.95 -8.13 -10.93
C PRO B 115 -26.14 -9.00 -9.99
N TYR B 116 -26.51 -8.99 -8.70
CA TYR B 116 -25.69 -9.63 -7.70
C TYR B 116 -25.49 -11.13 -7.96
N ALA B 117 -26.52 -11.81 -8.44
CA ALA B 117 -26.41 -13.23 -8.74
C ALA B 117 -25.17 -13.52 -9.58
N ASP B 118 -24.96 -12.72 -10.61
CA ASP B 118 -23.79 -12.85 -11.48
C ASP B 118 -22.48 -12.55 -10.74
N VAL B 119 -22.47 -11.44 -10.02
CA VAL B 119 -21.29 -11.05 -9.26
C VAL B 119 -20.94 -12.10 -8.22
N SER B 120 -21.96 -12.62 -7.54
CA SER B 120 -21.79 -13.59 -6.46
C SER B 120 -21.15 -14.86 -6.97
N LYS B 121 -21.64 -15.33 -8.11
CA LYS B 121 -21.06 -16.46 -8.80
C LYS B 121 -19.57 -16.24 -9.11
N GLY B 122 -19.26 -15.08 -9.66
CA GLY B 122 -17.89 -14.74 -10.00
C GLY B 122 -16.94 -14.69 -8.81
N ILE B 123 -17.43 -14.13 -7.72
CA ILE B 123 -16.70 -14.10 -6.46
C ILE B 123 -16.54 -15.48 -5.85
N HIS B 124 -17.57 -16.29 -6.00
CA HIS B 124 -17.55 -17.67 -5.51
C HIS B 124 -16.38 -18.41 -6.18
N ILE B 125 -16.40 -18.40 -7.50
CA ILE B 125 -15.42 -19.13 -8.29
C ILE B 125 -14.02 -18.52 -8.18
N SER B 126 -13.94 -17.19 -8.13
CA SER B 126 -12.67 -16.51 -8.23
C SER B 126 -11.97 -16.23 -6.88
N ALA B 127 -12.73 -16.13 -5.80
CA ALA B 127 -12.17 -15.76 -4.49
C ALA B 127 -12.41 -16.82 -3.43
N TYR B 128 -13.67 -17.13 -3.20
CA TYR B 128 -14.05 -18.05 -2.12
C TYR B 128 -13.45 -19.43 -2.35
N SER B 129 -13.42 -19.86 -3.61
CA SER B 129 -12.85 -21.18 -3.97
C SER B 129 -11.41 -21.37 -3.56
N TYR B 130 -10.64 -20.30 -3.46
CA TYR B 130 -9.26 -20.39 -2.98
C TYR B 130 -9.25 -20.90 -1.54
N ALA B 131 -10.23 -20.47 -0.76
CA ALA B 131 -10.36 -20.91 0.62
C ALA B 131 -10.88 -22.35 0.69
N SER B 132 -11.88 -22.69 -0.12
CA SER B 132 -12.44 -24.04 -0.03
C SER B 132 -11.44 -25.12 -0.56
N MET B 133 -10.68 -24.81 -1.60
CA MET B 133 -9.59 -25.69 -2.01
C MET B 133 -8.55 -25.85 -0.90
N ALA B 134 -8.24 -24.76 -0.19
CA ALA B 134 -7.29 -24.83 0.91
C ALA B 134 -7.84 -25.70 2.06
N LYS B 135 -9.11 -25.52 2.37
CA LYS B 135 -9.78 -26.35 3.34
C LYS B 135 -9.70 -27.82 2.96
N ALA B 136 -10.03 -28.12 1.72
CA ALA B 136 -10.10 -29.51 1.22
C ALA B 136 -8.72 -30.20 1.15
N LEU B 137 -7.66 -29.43 0.90
CA LEU B 137 -6.36 -30.02 0.61
C LEU B 137 -5.31 -29.89 1.70
N LEU B 138 -5.44 -28.91 2.58
CA LEU B 138 -4.46 -28.75 3.67
C LEU B 138 -4.27 -30.04 4.51
N PRO B 139 -5.37 -30.76 4.80
CA PRO B 139 -5.23 -32.01 5.55
C PRO B 139 -4.31 -33.04 4.88
N ILE B 140 -4.21 -33.03 3.54
CA ILE B 140 -3.24 -33.93 2.83
C ILE B 140 -2.01 -33.18 2.28
N MET B 141 -1.52 -32.19 3.03
CA MET B 141 -0.34 -31.42 2.62
C MET B 141 0.81 -31.56 3.62
N ASN B 142 2.03 -31.71 3.09
CA ASN B 142 3.24 -31.76 3.93
C ASN B 142 3.70 -30.40 4.43
N PRO B 143 4.34 -30.38 5.61
CA PRO B 143 4.98 -29.16 6.06
C PRO B 143 5.99 -28.70 5.02
N GLY B 144 6.22 -27.40 4.93
CA GLY B 144 7.12 -26.85 3.92
C GLY B 144 6.41 -26.64 2.58
N GLY B 145 5.16 -27.08 2.49
CA GLY B 145 4.37 -26.96 1.29
C GLY B 145 3.92 -25.52 0.98
N SER B 146 3.29 -25.37 -0.18
CA SER B 146 3.05 -24.10 -0.77
C SER B 146 1.74 -24.11 -1.54
N ILE B 147 0.87 -23.16 -1.21
CA ILE B 147 -0.37 -22.91 -2.01
C ILE B 147 -0.19 -21.62 -2.77
N VAL B 148 -0.58 -21.62 -4.05
CA VAL B 148 -0.36 -20.47 -4.92
C VAL B 148 -1.59 -20.21 -5.74
N GLY B 149 -2.05 -18.96 -5.72
CA GLY B 149 -3.17 -18.55 -6.57
C GLY B 149 -2.75 -17.45 -7.54
N MET B 150 -3.56 -17.23 -8.57
CA MET B 150 -3.30 -16.20 -9.59
C MET B 150 -4.12 -14.93 -9.35
N ASP B 151 -3.42 -13.81 -9.46
CA ASP B 151 -3.97 -12.52 -9.16
C ASP B 151 -3.73 -11.59 -10.36
N PHE B 152 -4.53 -10.52 -10.43
CA PHE B 152 -4.28 -9.39 -11.34
C PHE B 152 -4.45 -8.14 -10.46
N ASP B 153 -3.39 -7.34 -10.32
CA ASP B 153 -3.32 -6.26 -9.34
C ASP B 153 -4.62 -5.40 -9.30
N PRO B 154 -5.41 -5.51 -8.22
CA PRO B 154 -6.71 -4.86 -8.22
C PRO B 154 -6.71 -3.61 -7.33
N SER B 155 -5.53 -3.12 -7.00
CA SER B 155 -5.43 -2.02 -6.05
C SER B 155 -5.85 -0.64 -6.60
N ARG B 156 -5.99 -0.53 -7.92
CA ARG B 156 -6.51 0.67 -8.60
C ARG B 156 -7.59 0.22 -9.56
N ALA B 157 -8.62 1.03 -9.72
CA ALA B 157 -9.66 0.64 -10.67
C ALA B 157 -9.18 0.82 -12.09
N MET B 158 -9.82 0.11 -13.01
CA MET B 158 -9.46 0.16 -14.44
C MET B 158 -10.64 -0.19 -15.30
N PRO B 159 -10.65 0.25 -16.56
CA PRO B 159 -11.77 -0.06 -17.42
C PRO B 159 -11.83 -1.56 -17.75
N ALA B 160 -13.04 -2.02 -18.07
CA ALA B 160 -13.30 -3.39 -18.55
C ALA B 160 -13.21 -4.48 -17.48
N TYR B 161 -12.13 -4.54 -16.72
CA TYR B 161 -11.98 -5.61 -15.73
C TYR B 161 -13.12 -5.56 -14.71
N ASN B 162 -13.61 -4.36 -14.38
CA ASN B 162 -14.87 -4.18 -13.64
C ASN B 162 -15.03 -5.06 -12.36
N TRP B 163 -16.03 -5.94 -12.31
CA TRP B 163 -16.29 -6.73 -11.11
C TRP B 163 -15.27 -7.84 -10.88
N MET B 164 -14.51 -8.21 -11.91
CA MET B 164 -13.44 -9.15 -11.68
C MET B 164 -12.36 -8.50 -10.83
N THR B 165 -12.15 -7.18 -10.98
CA THR B 165 -11.25 -6.45 -10.10
C THR B 165 -11.69 -6.60 -8.62
N VAL B 166 -13.00 -6.51 -8.38
CA VAL B 166 -13.55 -6.63 -7.05
C VAL B 166 -13.32 -8.06 -6.52
N ALA B 167 -13.58 -9.04 -7.36
CA ALA B 167 -13.24 -10.45 -7.03
C ALA B 167 -11.78 -10.63 -6.67
N LYS B 168 -10.87 -10.02 -7.41
CA LYS B 168 -9.44 -10.14 -7.08
C LYS B 168 -9.08 -9.48 -5.77
N SER B 169 -9.71 -8.33 -5.48
CA SER B 169 -9.49 -7.63 -4.20
C SER B 169 -9.89 -8.53 -3.04
N ALA B 170 -11.02 -9.22 -3.21
CA ALA B 170 -11.48 -10.18 -2.25
C ALA B 170 -10.49 -11.33 -2.11
N LEU B 171 -10.04 -11.86 -3.26
CA LEU B 171 -9.03 -12.93 -3.27
C LEU B 171 -7.77 -12.59 -2.47
N GLU B 172 -7.25 -11.39 -2.65
CA GLU B 172 -6.07 -10.98 -1.93
C GLU B 172 -6.31 -11.04 -0.43
N SER B 173 -7.48 -10.57 0.00
CA SER B 173 -7.84 -10.60 1.39
C SER B 173 -8.04 -12.06 1.88
N VAL B 174 -8.71 -12.87 1.08
CA VAL B 174 -8.87 -14.29 1.40
C VAL B 174 -7.47 -14.98 1.55
N ASN B 175 -6.55 -14.65 0.65
CA ASN B 175 -5.18 -15.16 0.75
C ASN B 175 -4.51 -14.91 2.12
N ARG B 176 -4.75 -13.76 2.72
CA ARG B 176 -4.10 -13.44 3.99
C ARG B 176 -4.65 -14.31 5.13
N PHE B 177 -5.90 -14.68 5.03
CA PHE B 177 -6.53 -15.51 6.00
C PHE B 177 -6.19 -16.96 5.79
N VAL B 178 -6.15 -17.38 4.55
CA VAL B 178 -5.68 -18.74 4.24
C VAL B 178 -4.28 -18.93 4.81
N ALA B 179 -3.47 -17.88 4.76
CA ALA B 179 -2.10 -17.97 5.26
C ALA B 179 -2.07 -18.27 6.75
N ARG B 180 -3.00 -17.70 7.51
CA ARG B 180 -3.13 -18.03 8.94
C ARG B 180 -3.44 -19.49 9.18
N GLU B 181 -4.42 -20.03 8.47
CA GLU B 181 -4.79 -21.46 8.62
C GLU B 181 -3.67 -22.39 8.11
N ALA B 182 -3.16 -22.09 6.92
CA ALA B 182 -2.11 -22.90 6.31
C ALA B 182 -0.84 -22.94 7.17
N GLY B 183 -0.62 -21.86 7.92
CA GLY B 183 0.54 -21.77 8.79
C GLY B 183 0.53 -22.82 9.92
N LYS B 184 -0.66 -23.20 10.36
CA LYS B 184 -0.83 -24.23 11.37
C LYS B 184 -0.34 -25.59 10.86
N TYR B 185 -0.25 -25.76 9.55
CA TYR B 185 0.26 -26.99 8.91
C TYR B 185 1.70 -26.85 8.37
N GLY B 186 2.36 -25.74 8.67
CA GLY B 186 3.68 -25.42 8.08
C GLY B 186 3.61 -25.14 6.58
N VAL B 187 2.44 -24.75 6.09
CA VAL B 187 2.20 -24.50 4.68
C VAL B 187 2.07 -22.99 4.39
N ARG B 188 2.68 -22.55 3.29
CA ARG B 188 2.67 -21.15 2.85
C ARG B 188 1.53 -20.91 1.90
N SER B 189 1.04 -19.68 1.88
CA SER B 189 -0.01 -19.29 0.94
C SER B 189 0.35 -17.98 0.33
N ASN B 190 0.39 -17.93 -1.01
CA ASN B 190 0.72 -16.68 -1.70
C ASN B 190 0.01 -16.54 -3.02
N LEU B 191 0.02 -15.32 -3.55
CA LEU B 191 -0.54 -15.05 -4.89
C LEU B 191 0.52 -14.56 -5.82
N VAL B 192 0.36 -14.88 -7.08
CA VAL B 192 1.19 -14.28 -8.12
C VAL B 192 0.34 -13.32 -8.92
N ALA B 193 0.77 -12.05 -8.95
CA ALA B 193 0.05 -11.02 -9.70
C ALA B 193 0.73 -10.93 -11.04
N ALA B 194 0.06 -11.41 -12.08
CA ALA B 194 0.62 -11.44 -13.42
C ALA B 194 0.26 -10.20 -14.22
N GLY B 195 1.15 -9.83 -15.14
CA GLY B 195 0.80 -8.94 -16.22
C GLY B 195 -0.20 -9.61 -17.15
N PRO B 196 -0.77 -8.86 -18.10
CA PRO B 196 -1.75 -9.44 -19.01
C PRO B 196 -1.13 -10.50 -19.95
N ILE B 197 -1.90 -11.56 -20.22
CA ILE B 197 -1.47 -12.70 -21.02
C ILE B 197 -2.59 -13.09 -21.98
N ARG B 198 -2.24 -13.36 -23.24
CA ARG B 198 -3.19 -13.81 -24.25
C ARG B 198 -3.60 -15.25 -24.01
N THR B 199 -4.73 -15.42 -23.34
CA THR B 199 -5.30 -16.75 -23.02
C THR B 199 -6.68 -16.87 -23.65
N LEU B 200 -7.31 -18.04 -23.49
CA LEU B 200 -8.72 -18.18 -23.91
C LEU B 200 -9.61 -17.16 -23.16
N ALA B 201 -9.38 -17.00 -21.85
CA ALA B 201 -10.19 -16.08 -21.03
C ALA B 201 -10.15 -14.60 -21.50
N MET B 202 -9.00 -14.13 -21.97
CA MET B 202 -8.93 -12.83 -22.66
C MET B 202 -10.08 -12.61 -23.68
N GLN B 219 -3.63 -5.36 -27.98
CA GLN B 219 -2.66 -4.67 -28.83
C GLN B 219 -2.16 -3.36 -28.21
N LEU B 220 -3.04 -2.38 -28.06
CA LEU B 220 -2.71 -1.16 -27.30
C LEU B 220 -2.33 -1.51 -25.84
N LEU B 221 -2.98 -2.55 -25.28
CA LEU B 221 -2.64 -3.02 -23.94
C LEU B 221 -1.23 -3.60 -23.89
N GLU B 222 -0.88 -4.38 -24.91
CA GLU B 222 0.47 -4.99 -25.03
C GLU B 222 1.56 -3.93 -25.15
N GLU B 223 1.37 -2.97 -26.05
CA GLU B 223 2.32 -1.84 -26.18
C GLU B 223 2.42 -1.06 -24.85
N GLY B 224 1.28 -0.79 -24.24
CA GLY B 224 1.24 0.04 -23.03
C GLY B 224 1.97 -0.54 -21.83
N TRP B 225 1.73 -1.83 -21.54
CA TRP B 225 2.24 -2.50 -20.34
C TRP B 225 3.72 -2.67 -20.51
N ASP B 226 4.10 -3.01 -21.73
CA ASP B 226 5.49 -3.15 -22.10
C ASP B 226 6.28 -1.86 -21.85
N GLN B 227 5.67 -0.71 -22.13
CA GLN B 227 6.31 0.59 -21.92
C GLN B 227 6.57 0.88 -20.44
N ARG B 228 5.59 0.66 -19.59
CA ARG B 228 5.75 0.90 -18.13
C ARG B 228 6.75 -0.08 -17.50
N ALA B 229 6.69 -1.33 -17.95
CA ALA B 229 7.57 -2.39 -17.44
C ALA B 229 9.03 -2.10 -17.73
N PRO B 230 9.85 -1.84 -16.71
CA PRO B 230 11.25 -1.54 -16.99
C PRO B 230 12.06 -2.68 -17.68
N ILE B 231 11.63 -3.94 -17.52
CA ILE B 231 12.24 -5.05 -18.30
C ILE B 231 11.33 -5.54 -19.43
N GLY B 232 10.32 -4.76 -19.77
CA GLY B 232 9.44 -5.10 -20.84
C GLY B 232 8.44 -6.16 -20.43
N TRP B 233 7.48 -6.39 -21.30
CA TRP B 233 6.46 -7.37 -21.07
C TRP B 233 5.98 -7.88 -22.42
N ASN B 234 5.79 -9.18 -22.50
CA ASN B 234 5.37 -9.85 -23.69
C ASN B 234 4.10 -10.65 -23.41
N MET B 235 2.97 -10.16 -23.88
CA MET B 235 1.66 -10.79 -23.63
C MET B 235 1.49 -12.19 -24.22
N LYS B 236 2.30 -12.53 -25.21
CA LYS B 236 2.26 -13.85 -25.84
C LYS B 236 2.94 -14.94 -24.99
N ASP B 237 3.80 -14.54 -24.05
CA ASP B 237 4.69 -15.46 -23.32
C ASP B 237 4.31 -15.63 -21.82
N ALA B 238 3.70 -16.75 -21.51
CA ALA B 238 3.31 -17.09 -20.15
C ALA B 238 4.45 -17.66 -19.32
N THR B 239 5.58 -17.92 -19.92
CA THR B 239 6.66 -18.59 -19.23
C THR B 239 7.18 -17.82 -18.01
N PRO B 240 7.42 -16.50 -18.14
CA PRO B 240 7.88 -15.75 -16.94
C PRO B 240 6.95 -15.89 -15.70
N VAL B 241 5.65 -16.03 -15.89
CA VAL B 241 4.75 -16.14 -14.73
C VAL B 241 4.74 -17.59 -14.23
N ALA B 242 4.76 -18.53 -15.16
CA ALA B 242 4.92 -19.96 -14.81
C ALA B 242 6.16 -20.19 -13.93
N LYS B 243 7.28 -19.60 -14.31
CA LYS B 243 8.50 -19.72 -13.51
C LYS B 243 8.32 -19.14 -12.11
N THR B 244 7.68 -17.97 -12.03
CA THR B 244 7.46 -17.30 -10.79
C THR B 244 6.63 -18.20 -9.88
N VAL B 245 5.59 -18.81 -10.43
CA VAL B 245 4.75 -19.69 -9.63
C VAL B 245 5.59 -20.87 -9.13
N CYS B 246 6.43 -21.43 -10.00
CA CYS B 246 7.29 -22.53 -9.61
C CYS B 246 8.27 -22.11 -8.54
N ALA B 247 8.73 -20.87 -8.60
CA ALA B 247 9.63 -20.35 -7.56
C ALA B 247 8.94 -20.36 -6.19
N LEU B 248 7.65 -20.06 -6.17
CA LEU B 248 6.86 -20.06 -4.91
C LEU B 248 6.54 -21.48 -4.44
N LEU B 249 6.32 -22.37 -5.38
CA LEU B 249 6.17 -23.82 -5.04
C LEU B 249 7.46 -24.44 -4.50
N SER B 250 8.60 -23.84 -4.85
CA SER B 250 9.89 -24.34 -4.42
C SER B 250 10.17 -24.08 -2.95
N ASP B 251 11.38 -24.39 -2.53
CA ASP B 251 11.86 -24.17 -1.18
C ASP B 251 12.67 -22.88 -1.06
N TRP B 252 12.69 -22.07 -2.13
CA TRP B 252 13.56 -20.91 -2.18
C TRP B 252 12.92 -19.62 -1.75
N LEU B 253 11.62 -19.68 -1.44
CA LEU B 253 10.91 -18.57 -0.79
C LEU B 253 10.21 -19.06 0.48
N PRO B 254 11.00 -19.57 1.43
CA PRO B 254 10.47 -20.23 2.62
C PRO B 254 9.87 -19.32 3.70
N ALA B 255 10.14 -18.03 3.62
CA ALA B 255 9.67 -17.08 4.66
C ALA B 255 8.58 -16.12 4.14
N THR B 256 8.02 -16.43 2.98
CA THR B 256 7.07 -15.59 2.30
C THR B 256 5.72 -16.28 2.38
N THR B 257 4.76 -15.63 3.06
CA THR B 257 3.39 -16.11 3.09
C THR B 257 2.39 -14.95 3.33
N GLY B 258 1.12 -15.20 2.98
CA GLY B 258 0.08 -14.20 2.97
C GLY B 258 0.31 -13.09 1.95
N ASP B 259 1.19 -13.34 0.98
CA ASP B 259 1.75 -12.25 0.20
C ASP B 259 1.41 -12.33 -1.26
N ILE B 260 1.84 -11.30 -1.98
CA ILE B 260 1.62 -11.18 -3.41
C ILE B 260 2.96 -10.93 -4.08
N ILE B 261 3.33 -11.82 -5.01
CA ILE B 261 4.56 -11.60 -5.83
C ILE B 261 4.13 -11.13 -7.19
N TYR B 262 4.73 -10.04 -7.63
CA TYR B 262 4.34 -9.42 -8.89
C TYR B 262 5.18 -9.87 -10.04
N ALA B 263 4.55 -10.59 -10.97
CA ALA B 263 5.22 -11.10 -12.17
C ALA B 263 4.65 -10.33 -13.35
N ASP B 264 5.04 -9.07 -13.43
CA ASP B 264 4.39 -8.14 -14.34
C ASP B 264 5.35 -7.22 -15.06
N GLY B 265 6.62 -7.64 -15.12
CA GLY B 265 7.68 -6.83 -15.70
C GLY B 265 8.04 -5.60 -14.90
N GLY B 266 7.51 -5.47 -13.67
CA GLY B 266 7.73 -4.28 -12.87
C GLY B 266 6.78 -3.11 -13.15
N ALA B 267 5.79 -3.33 -13.99
CA ALA B 267 4.89 -2.26 -14.44
C ALA B 267 4.19 -1.55 -13.28
N HIS B 268 3.75 -2.30 -12.26
CA HIS B 268 3.04 -1.71 -11.11
C HIS B 268 3.93 -0.80 -10.22
N THR B 269 5.23 -0.81 -10.43
CA THR B 269 6.10 0.06 -9.68
C THR B 269 6.39 1.37 -10.37
N GLN B 270 5.80 1.57 -11.56
CA GLN B 270 6.10 2.76 -12.37
C GLN B 270 4.80 3.47 -12.68
N LEU B 271 4.80 4.78 -12.54
CA LEU B 271 3.59 5.55 -12.81
C LEU B 271 3.45 5.68 -14.32
N LEU B 272 4.54 6.04 -14.96
CA LEU B 272 4.68 5.83 -16.41
C LEU B 272 6.17 5.79 -16.77
N GLY C 6 22.19 -26.87 -8.64
CA GLY C 6 22.93 -25.58 -8.63
C GLY C 6 22.05 -24.46 -9.20
N LEU C 7 21.28 -23.88 -8.29
CA LEU C 7 20.34 -22.80 -8.62
C LEU C 7 21.06 -21.61 -9.28
N LEU C 8 22.30 -21.37 -8.88
CA LEU C 8 23.08 -20.27 -9.38
C LEU C 8 24.32 -20.77 -10.18
N ASP C 9 24.18 -21.96 -10.78
CA ASP C 9 25.31 -22.59 -11.54
C ASP C 9 26.02 -21.66 -12.53
N GLY C 10 27.30 -21.40 -12.27
CA GLY C 10 28.13 -20.54 -13.14
C GLY C 10 27.65 -19.11 -13.27
N LYS C 11 27.06 -18.55 -12.21
CA LYS C 11 26.74 -17.13 -12.17
C LYS C 11 27.80 -16.42 -11.37
N ARG C 12 28.22 -15.26 -11.86
CA ARG C 12 29.20 -14.44 -11.18
C ARG C 12 28.45 -13.37 -10.38
N ILE C 13 28.74 -13.31 -9.10
CA ILE C 13 27.94 -12.51 -8.20
C ILE C 13 28.81 -11.75 -7.21
N LEU C 14 28.61 -10.44 -7.18
CA LEU C 14 29.24 -9.59 -6.18
C LEU C 14 28.35 -9.46 -4.93
N VAL C 15 28.98 -9.61 -3.77
CA VAL C 15 28.28 -9.55 -2.49
C VAL C 15 28.99 -8.62 -1.52
N SER C 16 28.28 -7.59 -1.11
CA SER C 16 28.83 -6.60 -0.19
C SER C 16 28.28 -6.86 1.21
N GLY C 17 28.88 -6.21 2.21
CA GLY C 17 28.29 -6.13 3.54
C GLY C 17 28.61 -7.23 4.53
N ILE C 18 29.60 -8.06 4.23
CA ILE C 18 30.13 -9.01 5.22
C ILE C 18 31.05 -8.28 6.19
N ILE C 19 30.72 -8.33 7.48
CA ILE C 19 31.58 -7.82 8.56
C ILE C 19 31.84 -8.92 9.63
N THR C 20 30.84 -9.75 9.90
CA THR C 20 31.03 -10.97 10.73
C THR C 20 30.36 -12.16 10.05
N ASP C 21 30.54 -13.35 10.64
CA ASP C 21 29.89 -14.56 10.14
C ASP C 21 28.40 -14.67 10.56
N SER C 22 27.93 -13.70 11.34
CA SER C 22 26.49 -13.55 11.56
C SER C 22 25.85 -12.52 10.59
N SER C 23 26.68 -11.71 9.91
CA SER C 23 26.16 -10.84 8.83
C SER C 23 25.22 -11.57 7.89
N ILE C 24 24.09 -10.94 7.55
CA ILE C 24 23.17 -11.54 6.57
C ILE C 24 23.90 -11.79 5.23
N ALA C 25 24.80 -10.87 4.87
CA ALA C 25 25.62 -11.03 3.67
C ALA C 25 26.44 -12.33 3.68
N PHE C 26 26.96 -12.70 4.86
CA PHE C 26 27.76 -13.93 4.99
C PHE C 26 26.95 -15.15 4.62
N HIS C 27 25.70 -15.20 5.07
CA HIS C 27 24.82 -16.33 4.80
C HIS C 27 24.31 -16.35 3.38
N ILE C 28 24.13 -15.16 2.79
CA ILE C 28 23.82 -15.04 1.35
C ILE C 28 24.99 -15.60 0.54
N ALA C 29 26.20 -15.14 0.85
CA ALA C 29 27.43 -15.65 0.21
C ALA C 29 27.54 -17.16 0.35
N ARG C 30 27.31 -17.68 1.55
CA ARG C 30 27.38 -19.13 1.83
C ARG C 30 26.42 -19.92 0.96
N VAL C 31 25.15 -19.53 1.02
CA VAL C 31 24.10 -20.25 0.28
C VAL C 31 24.32 -20.15 -1.22
N ALA C 32 24.79 -18.98 -1.66
CA ALA C 32 25.07 -18.76 -3.09
C ALA C 32 26.17 -19.71 -3.58
N GLN C 33 27.23 -19.84 -2.77
CA GLN C 33 28.35 -20.77 -3.10
C GLN C 33 27.90 -22.21 -3.09
N GLU C 34 27.13 -22.60 -2.08
CA GLU C 34 26.53 -23.96 -2.06
C GLU C 34 25.75 -24.21 -3.32
N GLN C 35 25.24 -23.15 -3.95
CA GLN C 35 24.45 -23.25 -5.19
C GLN C 35 25.22 -22.97 -6.48
N GLY C 36 26.55 -22.98 -6.41
CA GLY C 36 27.40 -22.95 -7.61
C GLY C 36 27.81 -21.58 -8.12
N ALA C 37 27.50 -20.53 -7.36
CA ALA C 37 27.89 -19.19 -7.75
C ALA C 37 29.38 -18.94 -7.53
N GLN C 38 29.98 -18.17 -8.41
CA GLN C 38 31.34 -17.71 -8.22
C GLN C 38 31.23 -16.29 -7.71
N LEU C 39 31.80 -16.02 -6.55
CA LEU C 39 31.60 -14.75 -5.89
C LEU C 39 32.79 -13.84 -5.96
N VAL C 40 32.49 -12.56 -5.97
CA VAL C 40 33.43 -11.51 -5.61
C VAL C 40 32.83 -10.88 -4.37
N LEU C 41 33.68 -10.49 -3.42
CA LEU C 41 33.21 -9.89 -2.18
C LEU C 41 33.77 -8.51 -1.95
N THR C 42 32.96 -7.65 -1.34
CA THR C 42 33.44 -6.34 -0.92
C THR C 42 33.29 -6.15 0.58
N GLY C 43 34.24 -5.43 1.16
CA GLY C 43 34.28 -5.16 2.58
C GLY C 43 34.69 -3.75 2.85
N PHE C 44 34.31 -3.23 4.01
CA PHE C 44 34.33 -1.78 4.25
C PHE C 44 35.58 -1.29 4.99
N ASP C 45 35.65 -1.55 6.29
CA ASP C 45 36.66 -0.84 7.14
C ASP C 45 37.75 -1.77 7.70
N ARG C 46 37.32 -2.77 8.47
CA ARG C 46 38.21 -3.77 9.02
C ARG C 46 38.48 -4.87 7.98
N LEU C 47 39.21 -4.52 6.92
CA LEU C 47 39.52 -5.46 5.82
C LEU C 47 40.32 -6.71 6.23
N ARG C 48 41.30 -6.53 7.11
CA ARG C 48 42.09 -7.67 7.56
C ARG C 48 41.18 -8.67 8.31
N LEU C 49 40.38 -8.16 9.24
CA LEU C 49 39.40 -8.99 9.94
C LEU C 49 38.44 -9.67 8.96
N ILE C 50 37.95 -8.91 7.98
CA ILE C 50 36.96 -9.44 7.01
C ILE C 50 37.53 -10.60 6.20
N GLN C 51 38.79 -10.47 5.77
CA GLN C 51 39.47 -11.57 5.06
C GLN C 51 39.47 -12.88 5.88
N ARG C 52 39.71 -12.77 7.19
CA ARG C 52 39.66 -13.95 8.06
C ARG C 52 38.26 -14.57 8.11
N ILE C 53 37.23 -13.72 8.19
CA ILE C 53 35.84 -14.17 8.22
C ILE C 53 35.46 -14.87 6.92
N THR C 54 35.85 -14.28 5.78
CA THR C 54 35.49 -14.83 4.45
C THR C 54 36.21 -16.15 4.13
N ASP C 55 37.36 -16.38 4.80
CA ASP C 55 38.06 -17.68 4.72
C ASP C 55 37.17 -18.86 5.16
N ARG C 56 36.17 -18.59 6.00
CA ARG C 56 35.26 -19.62 6.52
C ARG C 56 34.09 -19.98 5.59
N LEU C 57 34.00 -19.31 4.46
CA LEU C 57 33.01 -19.67 3.45
C LEU C 57 33.39 -21.00 2.80
N PRO C 58 32.39 -21.71 2.24
CA PRO C 58 32.70 -22.99 1.59
C PRO C 58 33.71 -22.91 0.42
N ALA C 59 33.89 -21.73 -0.17
CA ALA C 59 34.82 -21.56 -1.31
C ALA C 59 35.58 -20.23 -1.30
N LYS C 60 36.67 -20.19 -2.05
CA LYS C 60 37.54 -19.02 -2.13
C LYS C 60 36.87 -17.94 -2.97
N ALA C 61 37.06 -16.69 -2.57
CA ALA C 61 36.49 -15.56 -3.29
C ALA C 61 37.35 -14.34 -3.08
N PRO C 62 37.69 -13.64 -4.16
CA PRO C 62 38.48 -12.42 -3.97
C PRO C 62 37.72 -11.35 -3.16
N LEU C 63 38.47 -10.58 -2.39
CA LEU C 63 37.91 -9.57 -1.50
C LEU C 63 38.42 -8.19 -1.88
N LEU C 64 37.51 -7.29 -2.21
CA LEU C 64 37.85 -5.92 -2.62
C LEU C 64 37.43 -4.92 -1.57
N GLU C 65 38.20 -3.86 -1.41
CA GLU C 65 37.84 -2.79 -0.47
C GLU C 65 36.76 -1.90 -1.09
N LEU C 66 35.65 -1.69 -0.37
CA LEU C 66 34.61 -0.78 -0.82
C LEU C 66 33.95 -0.02 0.32
N ASP C 67 34.24 1.27 0.36
CA ASP C 67 33.58 2.22 1.23
C ASP C 67 32.64 3.01 0.33
N VAL C 68 31.34 2.76 0.48
CA VAL C 68 30.34 3.37 -0.42
C VAL C 68 30.31 4.90 -0.35
N GLN C 69 30.79 5.47 0.75
CA GLN C 69 30.97 6.93 0.86
C GLN C 69 32.19 7.48 0.08
N ASN C 70 33.08 6.60 -0.38
CA ASN C 70 34.31 6.99 -1.07
C ASN C 70 34.18 6.97 -2.60
N GLU C 71 34.08 8.16 -3.19
CA GLU C 71 33.88 8.31 -4.65
C GLU C 71 34.97 7.60 -5.49
N GLU C 72 36.22 7.61 -5.00
CA GLU C 72 37.34 6.96 -5.70
C GLU C 72 37.17 5.44 -5.73
N HIS C 73 36.79 4.87 -4.59
CA HIS C 73 36.50 3.42 -4.50
C HIS C 73 35.39 3.01 -5.48
N LEU C 74 34.36 3.83 -5.57
CA LEU C 74 33.27 3.60 -6.55
C LEU C 74 33.73 3.73 -8.01
N ALA C 75 34.56 4.74 -8.28
CA ALA C 75 35.07 4.97 -9.62
C ALA C 75 35.95 3.81 -10.08
N SER C 76 36.71 3.21 -9.15
CA SER C 76 37.63 2.14 -9.50
C SER C 76 37.01 0.76 -9.40
N LEU C 77 35.78 0.68 -8.90
CA LEU C 77 35.17 -0.59 -8.54
C LEU C 77 35.02 -1.56 -9.71
N ALA C 78 34.41 -1.10 -10.79
CA ALA C 78 34.16 -1.95 -11.95
C ALA C 78 35.47 -2.53 -12.53
N GLY C 79 36.49 -1.68 -12.65
CA GLY C 79 37.81 -2.10 -13.13
C GLY C 79 38.44 -3.13 -12.19
N ARG C 80 38.34 -2.87 -10.88
CA ARG C 80 38.86 -3.81 -9.88
C ARG C 80 38.10 -5.13 -9.88
N VAL C 81 36.81 -5.08 -10.18
CA VAL C 81 35.99 -6.31 -10.26
C VAL C 81 36.37 -7.16 -11.48
N THR C 82 36.40 -6.53 -12.66
CA THR C 82 36.74 -7.25 -13.92
C THR C 82 38.11 -7.90 -13.86
N GLU C 83 39.05 -7.25 -13.18
CA GLU C 83 40.37 -7.83 -12.93
C GLU C 83 40.25 -9.14 -12.15
N ALA C 84 39.39 -9.13 -11.13
CA ALA C 84 39.22 -10.28 -10.26
C ALA C 84 38.46 -11.45 -10.92
N ILE C 85 37.49 -11.15 -11.78
CA ILE C 85 36.73 -12.20 -12.50
C ILE C 85 37.28 -12.50 -13.90
N GLY C 86 38.25 -11.70 -14.32
CA GLY C 86 38.91 -11.89 -15.61
C GLY C 86 38.25 -11.03 -16.67
N ALA C 87 39.04 -10.25 -17.39
CA ALA C 87 38.54 -9.40 -18.47
C ALA C 87 37.82 -10.25 -19.53
N GLY C 88 36.75 -9.70 -20.10
CA GLY C 88 35.87 -10.46 -20.99
C GLY C 88 34.65 -11.03 -20.26
N ASN C 89 34.76 -11.15 -18.94
CA ASN C 89 33.69 -11.71 -18.11
C ASN C 89 32.89 -10.61 -17.43
N LYS C 90 31.62 -10.87 -17.25
CA LYS C 90 30.72 -9.92 -16.57
C LYS C 90 29.96 -10.55 -15.40
N LEU C 91 29.36 -9.68 -14.59
CA LEU C 91 28.55 -10.11 -13.43
C LEU C 91 27.13 -10.43 -13.84
N ASP C 92 26.57 -11.46 -13.22
CA ASP C 92 25.13 -11.78 -13.35
C ASP C 92 24.33 -11.32 -12.11
N GLY C 93 25.03 -10.92 -11.05
CA GLY C 93 24.42 -10.69 -9.75
C GLY C 93 25.17 -9.66 -8.93
N VAL C 94 24.42 -8.82 -8.23
CA VAL C 94 24.98 -7.86 -7.27
C VAL C 94 24.10 -7.86 -6.01
N VAL C 95 24.75 -7.94 -4.85
CA VAL C 95 24.04 -7.93 -3.57
C VAL C 95 24.51 -6.76 -2.69
N HIS C 96 23.56 -5.87 -2.40
CA HIS C 96 23.73 -4.75 -1.50
C HIS C 96 23.16 -5.16 -0.17
N SER C 97 24.03 -5.33 0.82
CA SER C 97 23.63 -5.75 2.15
C SER C 97 24.31 -4.87 3.17
N ILE C 98 24.06 -3.59 3.03
CA ILE C 98 24.78 -2.55 3.72
C ILE C 98 23.78 -1.63 4.35
N GLY C 99 23.94 -1.42 5.64
CA GLY C 99 23.15 -0.46 6.40
C GLY C 99 23.99 0.21 7.48
N PHE C 100 23.68 1.47 7.77
CA PHE C 100 24.28 2.18 8.89
C PHE C 100 23.50 3.43 9.24
N MET C 101 23.36 3.68 10.53
CA MET C 101 22.85 4.95 11.03
C MET C 101 23.56 5.24 12.36
N PRO C 102 24.08 6.46 12.56
CA PRO C 102 24.69 6.74 13.87
C PRO C 102 23.73 6.56 15.05
N GLN C 103 24.30 6.30 16.23
CA GLN C 103 23.52 6.04 17.44
C GLN C 103 22.51 7.14 17.75
N THR C 104 22.83 8.40 17.41
CA THR C 104 21.90 9.50 17.64
C THR C 104 20.60 9.37 16.85
N GLY C 105 20.66 8.70 15.70
CA GLY C 105 19.48 8.49 14.87
C GLY C 105 18.67 7.24 15.21
N MET C 106 19.03 6.57 16.31
CA MET C 106 18.43 5.28 16.63
C MET C 106 18.24 5.04 18.12
N GLY C 107 17.43 4.01 18.40
CA GLY C 107 17.27 3.47 19.75
C GLY C 107 16.56 4.39 20.73
N ILE C 108 17.15 4.54 21.93
CA ILE C 108 16.55 5.33 23.02
C ILE C 108 16.56 6.83 22.70
N ASN C 109 17.50 7.25 21.85
CA ASN C 109 17.70 8.67 21.56
C ASN C 109 16.46 9.29 20.88
N PRO C 110 15.96 10.42 21.43
CA PRO C 110 14.74 10.97 20.86
C PRO C 110 14.90 11.30 19.39
N PHE C 111 13.86 10.97 18.61
CA PHE C 111 13.83 11.20 17.17
C PHE C 111 14.26 12.62 16.80
N PHE C 112 13.79 13.61 17.56
CA PHE C 112 14.04 15.02 17.23
C PHE C 112 15.47 15.49 17.50
N ASP C 113 16.25 14.72 18.25
CA ASP C 113 17.59 15.16 18.63
C ASP C 113 18.72 14.70 17.68
N ALA C 114 18.38 13.90 16.66
CA ALA C 114 19.38 13.48 15.67
C ALA C 114 19.72 14.65 14.73
N PRO C 115 20.98 15.12 14.75
CA PRO C 115 21.32 16.22 13.84
C PRO C 115 21.47 15.73 12.42
N TYR C 116 21.25 16.62 11.44
CA TYR C 116 21.19 16.18 10.04
C TYR C 116 22.47 15.50 9.57
N ALA C 117 23.62 16.00 10.00
CA ALA C 117 24.90 15.41 9.60
C ALA C 117 24.87 13.88 9.81
N ASP C 118 24.37 13.46 10.97
CA ASP C 118 24.25 12.04 11.30
C ASP C 118 23.24 11.33 10.42
N VAL C 119 22.07 11.92 10.27
CA VAL C 119 21.04 11.35 9.42
C VAL C 119 21.51 11.25 7.98
N SER C 120 22.18 12.30 7.50
CA SER C 120 22.65 12.36 6.11
C SER C 120 23.62 11.25 5.82
N LYS C 121 24.55 11.03 6.73
CA LYS C 121 25.48 9.93 6.63
C LYS C 121 24.76 8.60 6.53
N GLY C 122 23.77 8.39 7.39
CA GLY C 122 23.02 7.15 7.41
C GLY C 122 22.26 6.88 6.13
N ILE C 123 21.67 7.93 5.58
CA ILE C 123 20.96 7.87 4.31
C ILE C 123 21.91 7.64 3.16
N HIS C 124 23.07 8.24 3.24
CA HIS C 124 24.11 8.07 2.24
C HIS C 124 24.45 6.59 2.13
N ILE C 125 24.86 6.02 3.25
CA ILE C 125 25.31 4.64 3.29
C ILE C 125 24.18 3.65 3.04
N SER C 126 22.99 3.95 3.56
CA SER C 126 21.88 2.98 3.54
C SER C 126 20.99 3.04 2.30
N ALA C 127 20.88 4.20 1.66
CA ALA C 127 19.95 4.39 0.53
C ALA C 127 20.66 4.80 -0.74
N TYR C 128 21.37 5.91 -0.69
CA TYR C 128 22.02 6.47 -1.89
C TYR C 128 23.03 5.49 -2.49
N SER C 129 23.75 4.77 -1.61
CA SER C 129 24.76 3.82 -2.05
C SER C 129 24.21 2.69 -2.94
N TYR C 130 22.93 2.37 -2.81
CA TYR C 130 22.31 1.36 -3.67
C TYR C 130 22.32 1.84 -5.11
N ALA C 131 22.12 3.16 -5.27
CA ALA C 131 22.17 3.76 -6.60
C ALA C 131 23.59 3.87 -7.12
N SER C 132 24.53 4.26 -6.27
CA SER C 132 25.89 4.42 -6.74
C SER C 132 26.56 3.08 -7.07
N MET C 133 26.27 2.05 -6.29
CA MET C 133 26.72 0.69 -6.65
C MET C 133 26.12 0.23 -7.97
N ALA C 134 24.87 0.58 -8.22
CA ALA C 134 24.22 0.22 -9.47
C ALA C 134 24.86 0.98 -10.65
N LYS C 135 25.12 2.26 -10.46
CA LYS C 135 25.82 3.08 -11.45
C LYS C 135 27.19 2.48 -11.78
N ALA C 136 27.93 2.12 -10.74
CA ALA C 136 29.30 1.59 -10.88
C ALA C 136 29.34 0.21 -11.54
N LEU C 137 28.33 -0.61 -11.33
CA LEU C 137 28.40 -2.03 -11.74
C LEU C 137 27.52 -2.44 -12.90
N LEU C 138 26.49 -1.68 -13.20
CA LEU C 138 25.64 -2.00 -14.37
C LEU C 138 26.42 -2.12 -15.68
N PRO C 139 27.40 -1.21 -15.94
CA PRO C 139 28.21 -1.33 -17.14
C PRO C 139 28.93 -2.68 -17.30
N ILE C 140 29.27 -3.34 -16.19
CA ILE C 140 29.86 -4.71 -16.25
C ILE C 140 28.87 -5.82 -15.83
N MET C 141 27.59 -5.66 -16.18
CA MET C 141 26.57 -6.68 -15.87
C MET C 141 25.93 -7.28 -17.12
N ASN C 142 25.71 -8.60 -17.13
CA ASN C 142 25.03 -9.29 -18.24
C ASN C 142 23.54 -9.12 -18.22
N PRO C 143 22.92 -9.15 -19.42
CA PRO C 143 21.43 -9.22 -19.47
C PRO C 143 20.93 -10.44 -18.73
N GLY C 144 19.75 -10.35 -18.13
CA GLY C 144 19.22 -11.41 -17.29
C GLY C 144 19.70 -11.32 -15.85
N GLY C 145 20.62 -10.38 -15.60
CA GLY C 145 21.17 -10.19 -14.28
C GLY C 145 20.21 -9.61 -13.25
N SER C 146 20.69 -9.53 -12.00
CA SER C 146 19.85 -9.24 -10.88
C SER C 146 20.61 -8.46 -9.83
N ILE C 147 20.06 -7.31 -9.44
CA ILE C 147 20.58 -6.55 -8.31
C ILE C 147 19.59 -6.71 -7.14
N VAL C 148 20.13 -6.92 -5.94
CA VAL C 148 19.31 -7.18 -4.77
C VAL C 148 19.82 -6.43 -3.57
N GLY C 149 18.92 -5.69 -2.91
CA GLY C 149 19.27 -4.97 -1.68
C GLY C 149 18.44 -5.45 -0.51
N MET C 150 18.89 -5.15 0.70
CA MET C 150 18.19 -5.58 1.94
C MET C 150 17.34 -4.45 2.53
N ASP C 151 16.12 -4.81 2.90
CA ASP C 151 15.15 -3.87 3.39
C ASP C 151 14.60 -4.35 4.75
N PHE C 152 14.05 -3.42 5.51
CA PHE C 152 13.22 -3.71 6.67
C PHE C 152 11.95 -2.83 6.52
N ASP C 153 10.79 -3.47 6.44
CA ASP C 153 9.55 -2.80 6.05
C ASP C 153 9.34 -1.47 6.77
N PRO C 154 9.46 -0.34 6.05
CA PRO C 154 9.38 0.95 6.70
C PRO C 154 8.06 1.66 6.47
N SER C 155 7.04 0.93 6.03
CA SER C 155 5.77 1.54 5.67
C SER C 155 4.92 2.02 6.88
N ARG C 156 5.26 1.57 8.09
CA ARG C 156 4.64 2.07 9.35
C ARG C 156 5.75 2.46 10.30
N ALA C 157 5.55 3.49 11.10
CA ALA C 157 6.59 3.88 12.06
C ALA C 157 6.61 2.88 13.20
N MET C 158 7.75 2.83 13.87
CA MET C 158 7.95 1.89 14.97
C MET C 158 8.98 2.44 15.90
N PRO C 159 8.92 2.03 17.16
CA PRO C 159 9.92 2.55 18.10
C PRO C 159 11.34 2.05 17.77
N ALA C 160 12.33 2.84 18.19
CA ALA C 160 13.77 2.48 18.11
C ALA C 160 14.38 2.58 16.73
N TYR C 161 13.76 1.97 15.72
CA TYR C 161 14.34 1.98 14.37
C TYR C 161 14.48 3.43 13.85
N ASN C 162 13.55 4.29 14.23
CA ASN C 162 13.70 5.76 14.06
C ASN C 162 14.17 6.21 12.66
N TRP C 163 15.33 6.87 12.56
CA TRP C 163 15.79 7.43 11.27
C TRP C 163 16.27 6.36 10.30
N MET C 164 16.57 5.16 10.78
CA MET C 164 16.87 4.08 9.86
C MET C 164 15.61 3.71 9.06
N THR C 165 14.43 3.83 9.68
CA THR C 165 13.18 3.62 8.97
C THR C 165 13.05 4.60 7.78
N VAL C 166 13.44 5.85 8.01
CA VAL C 166 13.40 6.88 7.01
C VAL C 166 14.36 6.52 5.88
N ALA C 167 15.56 6.11 6.26
CA ALA C 167 16.55 5.61 5.29
C ALA C 167 16.00 4.45 4.45
N LYS C 168 15.33 3.50 5.07
CA LYS C 168 14.74 2.37 4.31
C LYS C 168 13.61 2.82 3.37
N SER C 169 12.80 3.77 3.81
CA SER C 169 11.77 4.36 2.94
C SER C 169 12.39 4.99 1.68
N ALA C 170 13.47 5.70 1.87
CA ALA C 170 14.22 6.26 0.77
C ALA C 170 14.77 5.17 -0.13
N LEU C 171 15.36 4.14 0.47
CA LEU C 171 15.88 2.99 -0.29
C LEU C 171 14.84 2.37 -1.20
N GLU C 172 13.64 2.19 -0.69
CA GLU C 172 12.58 1.56 -1.48
C GLU C 172 12.27 2.37 -2.71
N SER C 173 12.23 3.68 -2.52
CA SER C 173 12.02 4.60 -3.60
C SER C 173 13.21 4.58 -4.58
N VAL C 174 14.43 4.59 -4.04
CA VAL C 174 15.63 4.50 -4.90
C VAL C 174 15.59 3.21 -5.73
N ASN C 175 15.17 2.10 -5.10
CA ASN C 175 15.04 0.83 -5.83
C ASN C 175 14.16 0.91 -7.08
N ARG C 176 13.09 1.69 -7.02
CA ARG C 176 12.18 1.78 -8.17
C ARG C 176 12.82 2.50 -9.34
N PHE C 177 13.67 3.46 -9.03
CA PHE C 177 14.39 4.23 -10.04
C PHE C 177 15.59 3.48 -10.59
N VAL C 178 16.30 2.76 -9.73
CA VAL C 178 17.35 1.87 -10.18
C VAL C 178 16.76 0.86 -11.17
N ALA C 179 15.55 0.39 -10.91
CA ALA C 179 14.92 -0.59 -11.79
C ALA C 179 14.75 -0.04 -13.22
N ARG C 180 14.44 1.25 -13.34
CA ARG C 180 14.31 1.90 -14.67
C ARG C 180 15.62 1.87 -15.42
N GLU C 181 16.70 2.27 -14.75
CA GLU C 181 18.01 2.28 -15.36
C GLU C 181 18.50 0.87 -15.67
N ALA C 182 18.39 0.00 -14.69
CA ALA C 182 18.84 -1.40 -14.83
C ALA C 182 18.11 -2.13 -15.94
N GLY C 183 16.88 -1.74 -16.20
CA GLY C 183 16.09 -2.34 -17.25
C GLY C 183 16.68 -2.13 -18.65
N LYS C 184 17.34 -0.99 -18.84
CA LYS C 184 17.97 -0.68 -20.13
C LYS C 184 19.10 -1.67 -20.42
N TYR C 185 19.62 -2.34 -19.38
CA TYR C 185 20.66 -3.37 -19.52
C TYR C 185 20.11 -4.83 -19.46
N GLY C 186 18.79 -4.98 -19.42
CA GLY C 186 18.14 -6.29 -19.17
C GLY C 186 18.36 -6.81 -17.74
N VAL C 187 18.65 -5.90 -16.81
CA VAL C 187 18.94 -6.25 -15.41
C VAL C 187 17.76 -5.88 -14.48
N ARG C 188 17.43 -6.76 -13.55
CA ARG C 188 16.37 -6.57 -12.57
C ARG C 188 16.92 -5.95 -11.30
N SER C 189 16.06 -5.19 -10.60
CA SER C 189 16.43 -4.59 -9.32
C SER C 189 15.32 -4.81 -8.32
N ASN C 190 15.64 -5.42 -7.19
CA ASN C 190 14.65 -5.69 -6.16
C ASN C 190 15.21 -5.63 -4.77
N LEU C 191 14.31 -5.52 -3.80
CA LEU C 191 14.70 -5.56 -2.39
C LEU C 191 14.09 -6.76 -1.70
N VAL C 192 14.82 -7.29 -0.73
CA VAL C 192 14.28 -8.30 0.16
C VAL C 192 14.03 -7.67 1.52
N ALA C 193 12.77 -7.71 1.96
CA ALA C 193 12.40 -7.16 3.26
C ALA C 193 12.44 -8.28 4.25
N ALA C 194 13.44 -8.28 5.13
CA ALA C 194 13.64 -9.37 6.09
C ALA C 194 13.01 -9.10 7.42
N GLY C 195 12.60 -10.17 8.08
CA GLY C 195 12.30 -10.10 9.50
C GLY C 195 13.57 -9.86 10.29
N PRO C 196 13.43 -9.62 11.60
CA PRO C 196 14.61 -9.33 12.39
C PRO C 196 15.55 -10.55 12.54
N ILE C 197 16.86 -10.28 12.54
CA ILE C 197 17.89 -11.30 12.59
C ILE C 197 18.99 -10.86 13.54
N ARG C 198 19.45 -11.80 14.37
CA ARG C 198 20.54 -11.50 15.32
C ARG C 198 21.86 -11.40 14.59
N THR C 199 22.25 -10.17 14.29
CA THR C 199 23.50 -9.87 13.62
C THR C 199 24.33 -8.93 14.50
N LEU C 200 25.54 -8.62 14.06
CA LEU C 200 26.35 -7.60 14.75
C LEU C 200 25.59 -6.26 14.73
N ALA C 201 25.02 -5.89 13.58
CA ALA C 201 24.28 -4.62 13.45
C ALA C 201 23.03 -4.55 14.38
N MET C 202 22.30 -5.66 14.50
CA MET C 202 21.16 -5.77 15.41
C MET C 202 21.59 -5.52 16.86
N SER C 203 22.64 -6.20 17.28
CA SER C 203 23.14 -6.14 18.65
C SER C 203 23.57 -4.72 19.01
N ALA C 204 24.12 -4.00 18.04
CA ALA C 204 24.50 -2.60 18.26
C ALA C 204 23.29 -1.67 18.43
N ILE C 205 22.21 -1.94 17.70
CA ILE C 205 21.02 -1.05 17.68
C ILE C 205 20.62 -0.64 19.11
N GLN C 219 14.63 -10.32 22.32
CA GLN C 219 13.88 -11.36 23.05
C GLN C 219 12.35 -11.18 22.93
N LEU C 220 11.83 -10.08 23.49
CA LEU C 220 10.42 -9.73 23.26
C LEU C 220 10.11 -9.53 21.75
N LEU C 221 11.09 -9.01 21.00
CA LEU C 221 10.98 -8.86 19.54
C LEU C 221 10.85 -10.23 18.86
N GLU C 222 11.69 -11.17 19.29
CA GLU C 222 11.68 -12.56 18.76
C GLU C 222 10.36 -13.27 19.01
N GLU C 223 9.88 -13.21 20.24
CA GLU C 223 8.56 -13.75 20.60
C GLU C 223 7.45 -13.09 19.77
N GLY C 224 7.51 -11.76 19.68
CA GLY C 224 6.46 -11.00 19.04
C GLY C 224 6.29 -11.28 17.56
N TRP C 225 7.41 -11.29 16.83
CA TRP C 225 7.40 -11.44 15.38
C TRP C 225 6.95 -12.84 15.02
N ASP C 226 7.44 -13.77 15.80
CA ASP C 226 7.09 -15.17 15.65
C ASP C 226 5.58 -15.40 15.79
N GLN C 227 4.94 -14.66 16.71
CA GLN C 227 3.48 -14.76 16.88
C GLN C 227 2.70 -14.25 15.66
N ARG C 228 3.05 -13.09 15.13
CA ARG C 228 2.36 -12.52 13.94
C ARG C 228 2.56 -13.34 12.70
N ALA C 229 3.78 -13.84 12.55
CA ALA C 229 4.16 -14.65 11.38
C ALA C 229 3.35 -15.93 11.35
N PRO C 230 2.45 -16.08 10.36
CA PRO C 230 1.71 -17.35 10.28
C PRO C 230 2.57 -18.63 10.14
N ILE C 231 3.77 -18.55 9.60
CA ILE C 231 4.70 -19.72 9.57
C ILE C 231 5.85 -19.56 10.56
N GLY C 232 5.70 -18.66 11.50
CA GLY C 232 6.69 -18.49 12.53
C GLY C 232 7.93 -17.78 12.00
N TRP C 233 8.79 -17.41 12.93
CA TRP C 233 9.97 -16.70 12.61
C TRP C 233 11.01 -16.99 13.64
N ASN C 234 12.22 -17.25 13.16
CA ASN C 234 13.34 -17.60 14.00
C ASN C 234 14.48 -16.60 13.78
N MET C 235 14.67 -15.72 14.75
CA MET C 235 15.64 -14.67 14.67
C MET C 235 17.11 -15.14 14.62
N LYS C 236 17.34 -16.37 15.04
CA LYS C 236 18.68 -16.95 15.03
C LYS C 236 19.11 -17.41 13.63
N ASP C 237 18.14 -17.64 12.75
CA ASP C 237 18.35 -18.32 11.48
C ASP C 237 18.23 -17.37 10.26
N ALA C 238 19.37 -16.99 9.69
CA ALA C 238 19.41 -16.15 8.50
C ALA C 238 19.19 -16.90 7.18
N THR C 239 19.12 -18.22 7.24
CA THR C 239 19.04 -19.02 6.03
C THR C 239 17.80 -18.73 5.19
N PRO C 240 16.60 -18.60 5.81
CA PRO C 240 15.42 -18.30 4.98
C PRO C 240 15.52 -17.00 4.15
N VAL C 241 16.25 -16.00 4.64
CA VAL C 241 16.37 -14.76 3.88
C VAL C 241 17.48 -14.91 2.84
N ALA C 242 18.56 -15.58 3.23
CA ALA C 242 19.62 -15.93 2.25
C ALA C 242 19.03 -16.65 1.03
N LYS C 243 18.17 -17.63 1.26
CA LYS C 243 17.56 -18.38 0.16
C LYS C 243 16.69 -17.49 -0.72
N THR C 244 15.96 -16.59 -0.08
CA THR C 244 15.11 -15.66 -0.79
C THR C 244 15.96 -14.79 -1.69
N VAL C 245 17.07 -14.29 -1.17
CA VAL C 245 17.94 -13.44 -1.98
C VAL C 245 18.47 -14.25 -3.18
N CYS C 246 18.86 -15.48 -2.94
CA CYS C 246 19.33 -16.36 -3.98
C CYS C 246 18.26 -16.63 -5.00
N ALA C 247 17.00 -16.72 -4.55
CA ALA C 247 15.88 -16.90 -5.49
C ALA C 247 15.78 -15.71 -6.46
N LEU C 248 16.04 -14.52 -5.94
CA LEU C 248 15.99 -13.29 -6.77
C LEU C 248 17.21 -13.17 -7.70
N LEU C 249 18.36 -13.64 -7.23
CA LEU C 249 19.56 -13.72 -8.09
C LEU C 249 19.40 -14.75 -9.21
N SER C 250 18.55 -15.73 -9.00
CA SER C 250 18.32 -16.79 -9.97
C SER C 250 17.52 -16.32 -11.17
N ASP C 251 17.15 -17.27 -12.02
CA ASP C 251 16.37 -17.02 -13.22
C ASP C 251 14.90 -17.31 -13.02
N TRP C 252 14.52 -17.60 -11.78
CA TRP C 252 13.17 -18.07 -11.51
C TRP C 252 12.20 -16.97 -11.13
N LEU C 253 12.71 -15.74 -10.99
CA LEU C 253 11.83 -14.55 -10.85
C LEU C 253 12.13 -13.50 -11.93
N PRO C 254 11.92 -13.87 -13.20
CA PRO C 254 12.38 -13.08 -14.33
C PRO C 254 11.53 -11.87 -14.68
N ALA C 255 10.33 -11.80 -14.14
CA ALA C 255 9.40 -10.70 -14.45
C ALA C 255 9.15 -9.78 -13.24
N THR C 256 10.01 -9.88 -12.23
CA THR C 256 9.89 -9.12 -11.03
C THR C 256 11.03 -8.11 -10.99
N THR C 257 10.67 -6.82 -11.01
CA THR C 257 11.64 -5.75 -10.82
C THR C 257 10.99 -4.49 -10.21
N GLY C 258 11.83 -3.63 -9.66
CA GLY C 258 11.39 -2.46 -8.91
C GLY C 258 10.62 -2.81 -7.63
N ASP C 259 10.76 -4.04 -7.16
CA ASP C 259 9.83 -4.57 -6.19
C ASP C 259 10.47 -4.95 -4.88
N ILE C 260 9.62 -5.38 -3.95
CA ILE C 260 10.03 -5.80 -2.60
C ILE C 260 9.45 -7.18 -2.32
N ILE C 261 10.34 -8.15 -2.05
CA ILE C 261 9.90 -9.50 -1.63
C ILE C 261 10.08 -9.60 -0.14
N TYR C 262 9.03 -10.02 0.53
CA TYR C 262 9.02 -10.07 2.00
C TYR C 262 9.41 -11.41 2.51
N ALA C 263 10.56 -11.46 3.14
CA ALA C 263 11.07 -12.68 3.75
C ALA C 263 10.99 -12.53 5.26
N ASP C 264 9.76 -12.57 5.78
CA ASP C 264 9.52 -12.14 7.17
C ASP C 264 8.51 -13.03 7.89
N GLY C 265 8.34 -14.23 7.38
CA GLY C 265 7.38 -15.17 7.92
C GLY C 265 5.94 -14.80 7.69
N GLY C 266 5.71 -13.79 6.85
CA GLY C 266 4.34 -13.30 6.61
C GLY C 266 3.82 -12.28 7.64
N ALA C 267 4.67 -11.86 8.55
CA ALA C 267 4.27 -11.01 9.67
C ALA C 267 3.62 -9.71 9.20
N HIS C 268 4.16 -9.09 8.14
CA HIS C 268 3.62 -7.83 7.64
C HIS C 268 2.22 -7.93 7.04
N THR C 269 1.74 -9.13 6.80
CA THR C 269 0.38 -9.31 6.29
C THR C 269 -0.66 -9.48 7.39
N GLN C 270 -0.22 -9.44 8.65
CA GLN C 270 -1.11 -9.73 9.80
C GLN C 270 -1.06 -8.58 10.77
N LEU C 271 -2.21 -8.16 11.24
CA LEU C 271 -2.26 -7.01 12.15
C LEU C 271 -1.86 -7.53 13.49
N LEU C 272 -2.43 -8.64 13.87
CA LEU C 272 -1.90 -9.45 14.96
C LEU C 272 -2.40 -10.88 14.81
N GLY D 6 -16.70 30.51 8.95
CA GLY D 6 -15.25 30.56 9.31
C GLY D 6 -14.77 29.21 9.83
N LEU D 7 -14.36 28.38 8.88
CA LEU D 7 -13.83 27.04 9.16
C LEU D 7 -12.65 27.07 10.14
N LEU D 8 -11.85 28.12 10.06
CA LEU D 8 -10.67 28.26 10.90
C LEU D 8 -10.80 29.46 11.87
N ASP D 9 -12.04 29.79 12.22
CA ASP D 9 -12.34 30.95 13.11
C ASP D 9 -11.46 31.02 14.37
N GLY D 10 -10.64 32.07 14.44
CA GLY D 10 -9.78 32.32 15.60
C GLY D 10 -8.75 31.23 15.86
N LYS D 11 -8.24 30.62 14.79
CA LYS D 11 -7.09 29.72 14.90
C LYS D 11 -5.84 30.46 14.48
N ARG D 12 -4.76 30.24 15.22
CA ARG D 12 -3.47 30.85 14.93
C ARG D 12 -2.65 29.83 14.17
N ILE D 13 -2.18 30.22 13.00
CA ILE D 13 -1.58 29.27 12.07
C ILE D 13 -0.32 29.83 11.44
N LEU D 14 0.76 29.06 11.57
CA LEU D 14 2.01 29.39 10.90
C LEU D 14 2.06 28.74 9.52
N VAL D 15 2.46 29.51 8.52
CA VAL D 15 2.54 29.04 7.15
C VAL D 15 3.88 29.41 6.54
N SER D 16 4.62 28.38 6.13
CA SER D 16 5.92 28.55 5.51
C SER D 16 5.80 28.35 4.02
N GLY D 17 6.85 28.74 3.29
CA GLY D 17 7.00 28.36 1.90
C GLY D 17 6.39 29.25 0.85
N ILE D 18 5.98 30.45 1.22
CA ILE D 18 5.59 31.45 0.22
C ILE D 18 6.85 32.09 -0.39
N ILE D 19 6.97 31.97 -1.71
CA ILE D 19 8.02 32.67 -2.48
C ILE D 19 7.39 33.53 -3.60
N THR D 20 6.32 33.04 -4.23
CA THR D 20 5.54 33.84 -5.19
C THR D 20 4.06 33.68 -4.90
N ASP D 21 3.22 34.42 -5.62
CA ASP D 21 1.77 34.30 -5.48
C ASP D 21 1.20 33.08 -6.23
N SER D 22 2.05 32.34 -6.95
CA SER D 22 1.67 31.02 -7.47
C SER D 22 2.09 29.88 -6.53
N SER D 23 2.96 30.15 -5.55
CA SER D 23 3.26 29.16 -4.49
C SER D 23 2.00 28.54 -3.93
N ILE D 24 1.99 27.23 -3.75
CA ILE D 24 0.86 26.55 -3.10
C ILE D 24 0.61 27.16 -1.69
N ALA D 25 1.70 27.51 -0.99
CA ALA D 25 1.62 28.14 0.33
C ALA D 25 0.80 29.44 0.30
N PHE D 26 0.97 30.22 -0.77
CA PHE D 26 0.25 31.48 -0.91
C PHE D 26 -1.26 31.25 -0.93
N HIS D 27 -1.69 30.22 -1.65
CA HIS D 27 -3.11 29.91 -1.76
C HIS D 27 -3.66 29.30 -0.50
N ILE D 28 -2.83 28.57 0.23
CA ILE D 28 -3.19 28.04 1.55
C ILE D 28 -3.40 29.20 2.53
N ALA D 29 -2.43 30.10 2.56
CA ALA D 29 -2.54 31.34 3.36
C ALA D 29 -3.82 32.13 3.02
N ARG D 30 -4.08 32.32 1.72
CA ARG D 30 -5.26 33.06 1.26
C ARG D 30 -6.53 32.44 1.76
N VAL D 31 -6.69 31.14 1.48
CA VAL D 31 -7.92 30.43 1.83
C VAL D 31 -8.11 30.40 3.36
N ALA D 32 -7.00 30.25 4.07
CA ALA D 32 -7.03 30.20 5.54
C ALA D 32 -7.54 31.53 6.11
N GLN D 33 -7.04 32.64 5.56
CA GLN D 33 -7.49 33.98 5.95
C GLN D 33 -8.95 34.22 5.60
N GLU D 34 -9.35 33.87 4.39
CA GLU D 34 -10.78 33.93 4.03
C GLU D 34 -11.64 33.16 5.03
N GLN D 35 -11.07 32.16 5.67
CA GLN D 35 -11.78 31.32 6.68
C GLN D 35 -11.52 31.71 8.14
N GLY D 36 -10.98 32.90 8.38
CA GLY D 36 -10.90 33.48 9.74
C GLY D 36 -9.63 33.18 10.53
N ALA D 37 -8.64 32.57 9.90
CA ALA D 37 -7.39 32.26 10.56
C ALA D 37 -6.53 33.50 10.72
N GLN D 38 -5.82 33.58 11.83
CA GLN D 38 -4.81 34.59 12.03
C GLN D 38 -3.49 33.92 11.73
N LEU D 39 -2.74 34.47 10.80
CA LEU D 39 -1.53 33.82 10.33
C LEU D 39 -0.25 34.47 10.80
N VAL D 40 0.75 33.63 10.96
CA VAL D 40 2.13 34.05 11.00
C VAL D 40 2.74 33.41 9.77
N LEU D 41 3.65 34.13 9.11
CA LEU D 41 4.28 33.63 7.89
C LEU D 41 5.79 33.53 8.04
N THR D 42 6.38 32.53 7.40
CA THR D 42 7.83 32.43 7.32
C THR D 42 8.30 32.41 5.87
N GLY D 43 9.46 33.01 5.65
CA GLY D 43 10.05 33.12 4.34
C GLY D 43 11.54 32.90 4.41
N PHE D 44 12.12 32.50 3.28
CA PHE D 44 13.46 31.93 3.29
C PHE D 44 14.57 32.94 2.95
N ASP D 45 14.68 33.32 1.68
CA ASP D 45 15.90 33.99 1.20
C ASP D 45 15.64 35.43 0.74
N ARG D 46 14.77 35.57 -0.27
CA ARG D 46 14.38 36.85 -0.79
C ARG D 46 13.26 37.46 0.08
N LEU D 47 13.61 37.85 1.31
CA LEU D 47 12.64 38.38 2.29
C LEU D 47 11.92 39.66 1.84
N ARG D 48 12.67 40.58 1.22
CA ARG D 48 12.06 41.82 0.75
C ARG D 48 11.00 41.49 -0.30
N LEU D 49 11.36 40.67 -1.28
CA LEU D 49 10.42 40.24 -2.31
C LEU D 49 9.20 39.54 -1.70
N ILE D 50 9.44 38.65 -0.72
CA ILE D 50 8.34 37.91 -0.07
C ILE D 50 7.36 38.85 0.65
N GLN D 51 7.87 39.86 1.36
CA GLN D 51 7.01 40.85 2.02
C GLN D 51 6.05 41.54 1.03
N ARG D 52 6.56 41.87 -0.16
CA ARG D 52 5.75 42.49 -1.21
C ARG D 52 4.64 41.53 -1.69
N ILE D 53 4.99 40.25 -1.83
CA ILE D 53 4.03 39.22 -2.25
C ILE D 53 2.95 39.00 -1.19
N THR D 54 3.35 38.95 0.07
CA THR D 54 2.42 38.70 1.19
C THR D 54 1.46 39.87 1.43
N ASP D 55 1.86 41.07 1.01
CA ASP D 55 0.99 42.25 1.05
C ASP D 55 -0.30 42.05 0.24
N ARG D 56 -0.26 41.15 -0.73
CA ARG D 56 -1.42 40.88 -1.59
C ARG D 56 -2.44 39.89 -0.99
N LEU D 57 -2.15 39.37 0.19
CA LEU D 57 -3.09 38.49 0.87
C LEU D 57 -4.25 39.32 1.40
N PRO D 58 -5.41 38.69 1.60
CA PRO D 58 -6.58 39.45 2.08
C PRO D 58 -6.38 40.13 3.44
N ALA D 59 -5.40 39.70 4.23
CA ALA D 59 -5.15 40.30 5.56
C ALA D 59 -3.66 40.38 5.94
N LYS D 60 -3.37 41.23 6.92
CA LYS D 60 -2.01 41.47 7.38
C LYS D 60 -1.53 40.29 8.20
N ALA D 61 -0.26 39.96 8.08
CA ALA D 61 0.32 38.85 8.81
C ALA D 61 1.80 39.12 8.99
N PRO D 62 2.31 38.99 10.24
CA PRO D 62 3.75 39.15 10.42
C PRO D 62 4.58 38.11 9.65
N LEU D 63 5.75 38.54 9.19
CA LEU D 63 6.64 37.73 8.35
C LEU D 63 7.97 37.53 9.07
N LEU D 64 8.31 36.28 9.32
CA LEU D 64 9.56 35.93 10.03
C LEU D 64 10.54 35.24 9.08
N GLU D 65 11.83 35.47 9.27
CA GLU D 65 12.84 34.80 8.47
C GLU D 65 13.05 33.37 8.96
N LEU D 66 12.98 32.41 8.04
CA LEU D 66 13.26 31.01 8.38
C LEU D 66 13.92 30.24 7.25
N ASP D 67 15.20 29.94 7.48
CA ASP D 67 15.97 29.05 6.66
C ASP D 67 16.05 27.74 7.42
N VAL D 68 15.34 26.72 6.94
CA VAL D 68 15.26 25.43 7.65
C VAL D 68 16.62 24.74 7.83
N GLN D 69 17.58 25.07 6.96
CA GLN D 69 18.96 24.58 7.09
C GLN D 69 19.76 25.28 8.21
N ASN D 70 19.23 26.40 8.73
CA ASN D 70 19.92 27.21 9.76
C ASN D 70 19.47 26.91 11.20
N GLU D 71 20.32 26.19 11.94
CA GLU D 71 20.03 25.77 13.32
C GLU D 71 19.65 26.94 14.26
N GLU D 72 20.29 28.10 14.08
CA GLU D 72 20.00 29.28 14.91
C GLU D 72 18.59 29.82 14.66
N HIS D 73 18.20 29.90 13.39
CA HIS D 73 16.84 30.31 13.03
C HIS D 73 15.80 29.39 13.68
N LEU D 74 16.08 28.10 13.67
CA LEU D 74 15.19 27.09 14.28
C LEU D 74 15.14 27.23 15.80
N ALA D 75 16.29 27.48 16.41
CA ALA D 75 16.38 27.66 17.86
C ALA D 75 15.61 28.91 18.32
N SER D 76 15.63 29.96 17.52
CA SER D 76 14.95 31.22 17.89
C SER D 76 13.50 31.30 17.42
N LEU D 77 13.06 30.31 16.64
CA LEU D 77 11.78 30.39 15.96
C LEU D 77 10.57 30.53 16.90
N ALA D 78 10.48 29.66 17.89
CA ALA D 78 9.34 29.64 18.82
C ALA D 78 9.21 30.94 19.58
N GLY D 79 10.34 31.47 20.04
CA GLY D 79 10.38 32.77 20.72
C GLY D 79 9.95 33.90 19.81
N ARG D 80 10.47 33.89 18.58
CA ARG D 80 10.10 34.90 17.58
C ARG D 80 8.61 34.81 17.22
N VAL D 81 8.06 33.60 17.20
CA VAL D 81 6.64 33.41 16.89
C VAL D 81 5.75 33.95 18.01
N THR D 82 6.02 33.54 19.24
CA THR D 82 5.22 33.98 20.42
C THR D 82 5.21 35.50 20.57
N GLU D 83 6.32 36.13 20.24
CA GLU D 83 6.40 37.59 20.22
C GLU D 83 5.39 38.16 19.22
N ALA D 84 5.30 37.54 18.05
CA ALA D 84 4.42 38.02 16.98
C ALA D 84 2.93 37.77 17.25
N ILE D 85 2.61 36.66 17.91
CA ILE D 85 1.20 36.35 18.25
C ILE D 85 0.80 36.79 19.66
N GLY D 86 1.80 37.24 20.42
CA GLY D 86 1.58 37.73 21.78
C GLY D 86 1.80 36.62 22.79
N ALA D 87 2.64 36.90 23.79
CA ALA D 87 2.91 35.91 24.86
C ALA D 87 1.61 35.52 25.58
N GLY D 88 1.50 34.26 25.97
CA GLY D 88 0.25 33.70 26.50
C GLY D 88 -0.56 32.98 25.42
N ASN D 89 -0.28 33.28 24.15
CA ASN D 89 -0.98 32.68 23.03
C ASN D 89 -0.16 31.58 22.38
N LYS D 90 -0.85 30.57 21.89
CA LYS D 90 -0.21 29.45 21.17
C LYS D 90 -0.78 29.23 19.77
N LEU D 91 -0.06 28.41 19.00
CA LEU D 91 -0.48 28.04 17.64
C LEU D 91 -1.43 26.87 17.66
N ASP D 92 -2.41 26.91 16.77
CA ASP D 92 -3.29 25.77 16.51
C ASP D 92 -2.91 25.01 15.23
N GLY D 93 -2.01 25.60 14.45
CA GLY D 93 -1.76 25.14 13.08
C GLY D 93 -0.35 25.47 12.60
N VAL D 94 0.25 24.53 11.88
CA VAL D 94 1.55 24.72 11.24
C VAL D 94 1.51 24.12 9.83
N VAL D 95 1.96 24.88 8.85
CA VAL D 95 1.99 24.43 7.46
C VAL D 95 3.42 24.45 6.92
N HIS D 96 3.89 23.25 6.59
CA HIS D 96 5.15 23.04 5.94
C HIS D 96 4.88 22.90 4.43
N SER D 97 5.30 23.87 3.66
CA SER D 97 5.09 23.86 2.21
C SER D 97 6.40 24.22 1.58
N ILE D 98 7.39 23.42 1.87
CA ILE D 98 8.76 23.70 1.52
C ILE D 98 9.32 22.49 0.82
N GLY D 99 9.84 22.72 -0.38
CA GLY D 99 10.49 21.69 -1.16
C GLY D 99 11.65 22.26 -1.93
N PHE D 100 12.71 21.45 -2.08
CA PHE D 100 13.84 21.84 -2.89
C PHE D 100 14.71 20.64 -3.22
N MET D 101 15.17 20.59 -4.46
CA MET D 101 16.19 19.64 -4.89
C MET D 101 17.02 20.29 -5.97
N PRO D 102 18.36 20.23 -5.87
CA PRO D 102 19.15 20.84 -6.94
C PRO D 102 18.89 20.23 -8.34
N GLN D 103 19.16 21.02 -9.38
CA GLN D 103 18.93 20.60 -10.76
C GLN D 103 19.68 19.32 -11.08
N PRO D 110 20.21 12.80 -15.68
CA PRO D 110 20.12 11.39 -15.37
C PRO D 110 20.17 11.13 -13.87
N PHE D 111 19.31 10.21 -13.43
CA PHE D 111 19.21 9.81 -12.05
C PHE D 111 20.56 9.49 -11.40
N PHE D 112 21.41 8.76 -12.13
CA PHE D 112 22.71 8.30 -11.61
C PHE D 112 23.77 9.39 -11.48
N ASP D 113 23.56 10.55 -12.08
CA ASP D 113 24.58 11.60 -12.10
C ASP D 113 24.46 12.62 -10.93
N ALA D 114 23.42 12.49 -10.11
CA ALA D 114 23.26 13.40 -8.97
C ALA D 114 24.22 13.04 -7.83
N PRO D 115 25.16 13.93 -7.49
CA PRO D 115 26.08 13.60 -6.38
C PRO D 115 25.39 13.76 -5.03
N TYR D 116 25.86 13.03 -4.01
CA TYR D 116 25.16 13.01 -2.73
C TYR D 116 25.00 14.37 -2.07
N ALA D 117 26.01 15.22 -2.17
CA ALA D 117 25.93 16.56 -1.60
C ALA D 117 24.63 17.26 -2.01
N ASP D 118 24.30 17.16 -3.30
CA ASP D 118 23.07 17.73 -3.83
C ASP D 118 21.83 17.04 -3.28
N VAL D 119 21.84 15.71 -3.33
CA VAL D 119 20.71 14.93 -2.83
C VAL D 119 20.49 15.17 -1.33
N SER D 120 21.58 15.23 -0.58
CA SER D 120 21.51 15.43 0.87
C SER D 120 20.88 16.78 1.23
N LYS D 121 21.30 17.83 0.53
CA LYS D 121 20.68 19.14 0.68
C LYS D 121 19.17 19.08 0.40
N GLY D 122 18.79 18.43 -0.70
CA GLY D 122 17.38 18.32 -1.06
C GLY D 122 16.53 17.57 -0.03
N ILE D 123 17.10 16.50 0.51
CA ILE D 123 16.46 15.74 1.57
C ILE D 123 16.39 16.53 2.88
N HIS D 124 17.43 17.30 3.15
CA HIS D 124 17.47 18.15 4.33
C HIS D 124 16.28 19.10 4.30
N ILE D 125 16.20 19.87 3.22
CA ILE D 125 15.19 20.89 3.08
C ILE D 125 13.78 20.29 2.93
N SER D 126 13.68 19.18 2.20
CA SER D 126 12.38 18.64 1.82
C SER D 126 11.79 17.64 2.81
N ALA D 127 12.64 16.96 3.57
CA ALA D 127 12.16 15.88 4.49
C ALA D 127 12.50 16.14 5.96
N TYR D 128 13.79 16.28 6.25
CA TYR D 128 14.26 16.46 7.62
C TYR D 128 13.68 17.72 8.25
N SER D 129 13.56 18.79 7.47
CA SER D 129 13.02 20.07 7.97
C SER D 129 11.60 19.97 8.53
N TYR D 130 10.82 19.01 8.04
CA TYR D 130 9.47 18.77 8.59
C TYR D 130 9.57 18.36 10.06
N ALA D 131 10.60 17.59 10.38
CA ALA D 131 10.84 17.17 11.76
C ALA D 131 11.38 18.33 12.60
N SER D 132 12.32 19.11 12.06
CA SER D 132 12.91 20.19 12.87
C SER D 132 11.92 21.32 13.13
N MET D 133 11.06 21.62 12.16
CA MET D 133 9.96 22.57 12.40
C MET D 133 9.02 22.05 13.47
N ALA D 134 8.76 20.75 13.47
CA ALA D 134 7.88 20.17 14.48
C ALA D 134 8.51 20.24 15.88
N LYS D 135 9.80 19.93 15.94
CA LYS D 135 10.56 20.07 17.19
C LYS D 135 10.52 21.51 17.72
N ALA D 136 10.74 22.46 16.83
CA ALA D 136 10.78 23.87 17.21
C ALA D 136 9.42 24.44 17.63
N LEU D 137 8.33 23.94 17.06
CA LEU D 137 7.02 24.57 17.24
C LEU D 137 6.04 23.83 18.12
N LEU D 138 6.21 22.53 18.29
CA LEU D 138 5.31 21.74 19.16
C LEU D 138 5.20 22.30 20.59
N PRO D 139 6.33 22.71 21.20
CA PRO D 139 6.26 23.37 22.51
C PRO D 139 5.29 24.57 22.61
N ILE D 140 5.12 25.32 21.52
CA ILE D 140 4.13 26.44 21.49
C ILE D 140 2.86 26.11 20.70
N MET D 141 2.40 24.86 20.78
CA MET D 141 1.17 24.43 20.08
C MET D 141 0.08 23.94 21.04
N ASN D 142 -1.17 24.35 20.77
CA ASN D 142 -2.33 23.90 21.59
C ASN D 142 -2.78 22.49 21.26
N PRO D 143 -3.33 21.77 22.26
CA PRO D 143 -3.96 20.49 21.97
C PRO D 143 -5.05 20.68 20.94
N GLY D 144 -5.29 19.67 20.12
CA GLY D 144 -6.27 19.76 19.04
C GLY D 144 -5.65 20.37 17.79
N GLY D 145 -4.40 20.80 17.89
CA GLY D 145 -3.69 21.42 16.78
C GLY D 145 -3.30 20.46 15.67
N SER D 146 -2.77 21.02 14.60
CA SER D 146 -2.58 20.30 13.36
C SER D 146 -1.33 20.79 12.62
N ILE D 147 -0.45 19.85 12.30
CA ILE D 147 0.69 20.11 11.45
C ILE D 147 0.41 19.46 10.09
N VAL D 148 0.73 20.19 9.02
CA VAL D 148 0.45 19.72 7.67
C VAL D 148 1.63 20.02 6.78
N GLY D 149 2.06 19.00 6.05
CA GLY D 149 3.10 19.15 5.05
C GLY D 149 2.60 18.80 3.66
N MET D 150 3.34 19.22 2.63
CA MET D 150 2.97 18.95 1.21
C MET D 150 3.75 17.78 0.61
N ASP D 151 3.02 16.89 -0.06
CA ASP D 151 3.54 15.67 -0.59
C ASP D 151 3.19 15.57 -2.09
N PHE D 152 3.96 14.75 -2.80
CA PHE D 152 3.61 14.31 -4.14
C PHE D 152 3.82 12.80 -4.14
N ASP D 153 2.75 12.04 -4.40
CA ASP D 153 2.75 10.59 -4.22
C ASP D 153 4.01 9.91 -4.79
N PRO D 154 4.89 9.43 -3.92
CA PRO D 154 6.14 8.89 -4.38
C PRO D 154 6.18 7.35 -4.38
N SER D 155 5.02 6.72 -4.31
CA SER D 155 4.96 5.27 -4.17
C SER D 155 5.25 4.48 -5.46
N ARG D 156 5.29 5.16 -6.60
CA ARG D 156 5.76 4.57 -7.88
C ARG D 156 6.76 5.51 -8.49
N ALA D 157 7.77 4.98 -9.14
CA ALA D 157 8.76 5.86 -9.76
C ALA D 157 8.16 6.51 -10.99
N MET D 158 8.71 7.65 -11.36
CA MET D 158 8.21 8.39 -12.52
C MET D 158 9.33 9.20 -13.12
N PRO D 159 9.22 9.52 -14.42
CA PRO D 159 10.30 10.31 -15.03
C PRO D 159 10.34 11.75 -14.48
N ALA D 160 11.52 12.35 -14.56
CA ALA D 160 11.74 13.77 -14.20
C ALA D 160 11.77 14.08 -12.71
N TYR D 161 10.77 13.65 -11.95
CA TYR D 161 10.73 13.96 -10.51
C TYR D 161 11.95 13.40 -9.78
N ASN D 162 12.44 12.24 -10.23
CA ASN D 162 13.75 11.70 -9.84
C ASN D 162 14.04 11.71 -8.32
N TRP D 163 15.08 12.42 -7.87
CA TRP D 163 15.48 12.38 -6.45
C TRP D 163 14.51 13.14 -5.54
N MET D 164 13.70 14.01 -6.10
CA MET D 164 12.66 14.62 -5.32
C MET D 164 11.62 13.56 -4.90
N THR D 165 11.37 12.57 -5.74
CA THR D 165 10.53 11.43 -5.35
C THR D 165 11.10 10.71 -4.11
N VAL D 166 12.41 10.55 -4.08
CA VAL D 166 13.07 9.90 -2.97
C VAL D 166 12.90 10.76 -1.70
N ALA D 167 13.11 12.06 -1.86
CA ALA D 167 12.87 13.00 -0.76
C ALA D 167 11.44 12.89 -0.23
N LYS D 168 10.46 12.80 -1.12
CA LYS D 168 9.07 12.66 -0.69
C LYS D 168 8.80 11.36 0.04
N SER D 169 9.40 10.28 -0.43
CA SER D 169 9.30 8.99 0.26
C SER D 169 9.82 9.08 1.69
N ALA D 170 10.96 9.76 1.86
CA ALA D 170 11.50 10.03 3.17
C ALA D 170 10.56 10.88 4.01
N LEU D 171 10.01 11.93 3.42
CA LEU D 171 9.04 12.80 4.11
C LEU D 171 7.87 12.04 4.66
N GLU D 172 7.31 11.13 3.86
CA GLU D 172 6.17 10.35 4.31
C GLU D 172 6.51 9.56 5.55
N SER D 173 7.70 8.99 5.55
CA SER D 173 8.18 8.22 6.69
C SER D 173 8.44 9.14 7.90
N VAL D 174 9.07 10.28 7.65
CA VAL D 174 9.27 11.29 8.70
C VAL D 174 7.94 11.72 9.32
N ASN D 175 6.95 11.94 8.47
CA ASN D 175 5.58 12.26 8.95
C ASN D 175 5.01 11.27 9.97
N ARG D 176 5.28 9.97 9.80
CA ARG D 176 4.73 8.97 10.72
C ARG D 176 5.39 9.04 12.10
N PHE D 177 6.66 9.44 12.13
CA PHE D 177 7.41 9.62 13.37
C PHE D 177 7.09 10.96 14.05
N VAL D 178 6.93 12.02 13.27
CA VAL D 178 6.45 13.27 13.83
C VAL D 178 5.08 13.07 14.49
N ALA D 179 4.25 12.25 13.90
CA ALA D 179 2.93 11.98 14.46
C ALA D 179 3.03 11.39 15.90
N ARG D 180 4.03 10.53 16.12
CA ARG D 180 4.27 9.96 17.47
C ARG D 180 4.59 11.03 18.49
N GLU D 181 5.53 11.92 18.15
CA GLU D 181 5.91 13.00 19.05
C GLU D 181 4.77 14.01 19.23
N ALA D 182 4.16 14.43 18.13
CA ALA D 182 3.06 15.41 18.16
C ALA D 182 1.87 14.92 18.95
N GLY D 183 1.68 13.60 18.97
CA GLY D 183 0.58 13.00 19.71
C GLY D 183 0.68 13.22 21.21
N LYS D 184 1.91 13.30 21.73
CA LYS D 184 2.14 13.57 23.15
C LYS D 184 1.64 14.98 23.54
N TYR D 185 1.47 15.88 22.55
CA TYR D 185 0.92 17.24 22.76
C TYR D 185 -0.57 17.38 22.31
N GLY D 186 -1.22 16.28 21.96
CA GLY D 186 -2.58 16.30 21.39
C GLY D 186 -2.62 16.93 19.99
N VAL D 187 -1.48 16.92 19.31
CA VAL D 187 -1.35 17.54 17.98
C VAL D 187 -1.26 16.46 16.89
N ARG D 188 -1.97 16.70 15.79
CA ARG D 188 -1.99 15.81 14.64
C ARG D 188 -0.91 16.19 13.64
N SER D 189 -0.42 15.19 12.90
CA SER D 189 0.55 15.43 11.83
C SER D 189 0.13 14.68 10.59
N ASN D 190 -0.03 15.39 9.48
CA ASN D 190 -0.43 14.76 8.24
C ASN D 190 0.19 15.41 7.03
N LEU D 191 0.13 14.69 5.91
CA LEU D 191 0.56 15.25 4.63
C LEU D 191 -0.61 15.35 3.65
N VAL D 192 -0.54 16.34 2.79
CA VAL D 192 -1.46 16.41 1.66
C VAL D 192 -0.69 16.07 0.40
N ALA D 193 -1.14 15.03 -0.30
CA ALA D 193 -0.54 14.62 -1.54
C ALA D 193 -1.30 15.26 -2.65
N ALA D 194 -0.69 16.24 -3.27
CA ALA D 194 -1.35 17.00 -4.33
C ALA D 194 -1.09 16.39 -5.69
N GLY D 195 -2.04 16.56 -6.59
CA GLY D 195 -1.77 16.41 -8.01
C GLY D 195 -0.79 17.48 -8.46
N PRO D 196 -0.30 17.36 -9.70
CA PRO D 196 0.64 18.37 -10.20
C PRO D 196 0.02 19.77 -10.38
N ILE D 197 0.81 20.78 -10.06
CA ILE D 197 0.38 22.18 -10.03
C ILE D 197 1.44 22.98 -10.73
N ARG D 198 1.02 23.80 -11.67
CA ARG D 198 1.95 24.58 -12.43
C ARG D 198 2.60 25.62 -11.55
N THR D 199 3.85 25.40 -11.24
CA THR D 199 4.66 26.43 -10.60
C THR D 199 5.56 26.89 -11.71
N LEU D 200 6.49 27.80 -11.43
CA LEU D 200 7.31 28.38 -12.49
C LEU D 200 8.12 27.29 -13.24
N ALA D 201 8.75 26.38 -12.49
CA ALA D 201 9.57 25.31 -13.09
C ALA D 201 8.81 24.36 -14.04
N MET D 202 7.60 23.94 -13.64
CA MET D 202 6.77 23.08 -14.48
C MET D 202 6.40 23.81 -15.77
N SER D 203 5.96 25.08 -15.63
CA SER D 203 5.55 25.89 -16.77
C SER D 203 6.68 26.03 -17.81
N ALA D 204 7.92 26.08 -17.35
CA ALA D 204 9.07 26.19 -18.29
C ALA D 204 9.24 24.89 -19.11
N ILE D 205 9.31 23.76 -18.41
CA ILE D 205 9.48 22.45 -19.06
C ILE D 205 8.17 21.99 -19.70
N GLU D 213 11.83 16.68 -25.24
CA GLU D 213 11.65 15.33 -24.71
C GLU D 213 11.35 15.34 -23.22
N ALA D 214 11.90 16.31 -22.49
CA ALA D 214 11.58 16.46 -21.05
C ALA D 214 10.18 17.01 -20.90
N GLY D 215 9.95 18.15 -21.54
CA GLY D 215 8.67 18.82 -21.52
C GLY D 215 7.53 17.94 -21.99
N ALA D 216 7.77 17.21 -23.08
CA ALA D 216 6.77 16.28 -23.68
C ALA D 216 6.29 15.18 -22.70
N GLN D 217 7.19 14.72 -21.83
CA GLN D 217 6.86 13.71 -20.82
C GLN D 217 6.05 14.30 -19.66
N ILE D 218 6.38 15.54 -19.26
CA ILE D 218 5.57 16.29 -18.26
C ILE D 218 4.13 16.53 -18.77
N GLN D 219 4.00 16.88 -20.04
CA GLN D 219 2.70 17.08 -20.63
C GLN D 219 1.90 15.80 -20.62
N LEU D 220 2.52 14.69 -21.05
CA LEU D 220 1.87 13.38 -21.00
C LEU D 220 1.50 12.98 -19.55
N LEU D 221 2.32 13.35 -18.60
CA LEU D 221 2.02 13.11 -17.18
C LEU D 221 0.79 13.89 -16.72
N GLU D 222 0.71 15.15 -17.11
CA GLU D 222 -0.45 16.03 -16.80
C GLU D 222 -1.76 15.51 -17.38
N GLU D 223 -1.74 15.28 -18.69
CA GLU D 223 -2.91 14.86 -19.41
C GLU D 223 -3.34 13.50 -18.89
N GLY D 224 -2.37 12.64 -18.60
CA GLY D 224 -2.66 11.37 -17.95
C GLY D 224 -3.35 11.61 -16.63
N TRP D 225 -2.87 12.61 -15.90
CA TRP D 225 -3.51 13.01 -14.64
C TRP D 225 -5.01 13.32 -14.77
N ASP D 226 -5.37 14.26 -15.63
CA ASP D 226 -6.76 14.62 -15.80
C ASP D 226 -7.58 13.40 -16.25
N GLN D 227 -7.00 12.60 -17.14
CA GLN D 227 -7.71 11.42 -17.70
C GLN D 227 -7.99 10.40 -16.61
N ARG D 228 -6.98 10.11 -15.81
CA ARG D 228 -7.12 9.16 -14.72
C ARG D 228 -8.08 9.64 -13.63
N ALA D 229 -8.00 10.91 -13.29
CA ALA D 229 -8.80 11.52 -12.23
C ALA D 229 -10.27 11.43 -12.58
N PRO D 230 -11.07 10.65 -11.81
CA PRO D 230 -12.48 10.53 -12.14
C PRO D 230 -13.27 11.88 -12.08
N ILE D 231 -12.80 12.85 -11.29
CA ILE D 231 -13.40 14.19 -11.31
C ILE D 231 -12.52 15.22 -12.04
N GLY D 232 -11.55 14.74 -12.80
CA GLY D 232 -10.67 15.63 -13.54
C GLY D 232 -9.63 16.28 -12.66
N TRP D 233 -8.68 16.91 -13.30
CA TRP D 233 -7.63 17.62 -12.60
C TRP D 233 -7.18 18.78 -13.43
N ASN D 234 -7.05 19.91 -12.77
CA ASN D 234 -6.70 21.16 -13.39
C ASN D 234 -5.41 21.68 -12.77
N MET D 235 -4.30 21.53 -13.50
CA MET D 235 -2.97 21.88 -13.01
C MET D 235 -2.81 23.42 -12.79
N LYS D 236 -3.69 24.24 -13.37
CA LYS D 236 -3.63 25.69 -13.16
C LYS D 236 -4.21 26.12 -11.79
N ASP D 237 -5.03 25.26 -11.18
CA ASP D 237 -5.85 25.64 -10.02
C ASP D 237 -5.38 25.01 -8.70
N ALA D 238 -4.73 25.81 -7.86
CA ALA D 238 -4.25 25.37 -6.54
C ALA D 238 -5.34 25.35 -5.46
N THR D 239 -6.51 25.89 -5.74
CA THR D 239 -7.52 26.07 -4.73
C THR D 239 -7.99 24.75 -4.10
N PRO D 240 -8.26 23.72 -4.92
CA PRO D 240 -8.66 22.45 -4.30
C PRO D 240 -7.67 21.88 -3.26
N VAL D 241 -6.37 22.12 -3.42
CA VAL D 241 -5.41 21.58 -2.47
C VAL D 241 -5.35 22.49 -1.26
N ALA D 242 -5.42 23.80 -1.50
CA ALA D 242 -5.50 24.79 -0.41
C ALA D 242 -6.65 24.45 0.53
N LYS D 243 -7.82 24.16 -0.04
CA LYS D 243 -8.99 23.79 0.78
C LYS D 243 -8.77 22.51 1.59
N THR D 244 -8.14 21.53 0.97
CA THR D 244 -7.84 20.26 1.62
C THR D 244 -6.91 20.50 2.80
N VAL D 245 -5.89 21.33 2.61
CA VAL D 245 -4.97 21.65 3.71
C VAL D 245 -5.75 22.31 4.86
N CYS D 246 -6.64 23.25 4.50
CA CYS D 246 -7.46 23.92 5.48
C CYS D 246 -8.37 22.94 6.20
N ALA D 247 -8.88 21.95 5.49
CA ALA D 247 -9.69 20.91 6.12
C ALA D 247 -8.90 20.17 7.21
N LEU D 248 -7.62 19.94 6.98
CA LEU D 248 -6.75 19.25 7.94
C LEU D 248 -6.36 20.14 9.10
N LEU D 249 -6.20 21.43 8.83
CA LEU D 249 -5.99 22.43 9.91
C LEU D 249 -7.22 22.59 10.80
N SER D 250 -8.38 22.29 10.26
CA SER D 250 -9.64 22.42 10.97
C SER D 250 -9.81 21.35 12.04
N ASP D 251 -11.00 21.35 12.67
CA ASP D 251 -11.37 20.37 13.69
C ASP D 251 -12.17 19.23 13.11
N TRP D 252 -12.30 19.19 11.79
CA TRP D 252 -13.20 18.24 11.14
C TRP D 252 -12.54 16.92 10.71
N LEU D 253 -11.22 16.83 10.89
CA LEU D 253 -10.49 15.57 10.76
C LEU D 253 -9.69 15.26 12.04
N PRO D 254 -10.40 15.10 13.18
CA PRO D 254 -9.77 14.99 14.48
C PRO D 254 -9.10 13.63 14.81
N ALA D 255 -9.40 12.59 14.04
CA ALA D 255 -8.88 11.26 14.31
C ALA D 255 -7.86 10.78 13.24
N THR D 256 -7.39 11.72 12.44
CA THR D 256 -6.50 11.42 11.34
C THR D 256 -5.13 11.99 11.67
N THR D 257 -4.15 11.09 11.81
CA THR D 257 -2.75 11.50 12.02
C THR D 257 -1.75 10.46 11.50
N GLY D 258 -0.53 10.91 11.26
CA GLY D 258 0.50 10.11 10.61
C GLY D 258 0.18 9.76 9.16
N ASP D 259 -0.76 10.47 8.56
CA ASP D 259 -1.40 9.99 7.38
C ASP D 259 -1.20 10.90 6.18
N ILE D 260 -1.73 10.46 5.04
CA ILE D 260 -1.61 11.18 3.79
C ILE D 260 -2.98 11.33 3.20
N ILE D 261 -3.40 12.57 2.97
CA ILE D 261 -4.69 12.83 2.28
C ILE D 261 -4.42 13.23 0.88
N TYR D 262 -5.09 12.57 -0.04
CA TYR D 262 -4.81 12.75 -1.46
C TYR D 262 -5.73 13.77 -2.06
N ALA D 263 -5.14 14.90 -2.44
CA ALA D 263 -5.87 15.96 -3.14
C ALA D 263 -5.46 15.98 -4.59
N ASP D 264 -5.90 14.99 -5.33
CA ASP D 264 -5.31 14.70 -6.66
C ASP D 264 -6.33 14.29 -7.70
N GLY D 265 -7.57 14.63 -7.45
CA GLY D 265 -8.67 14.27 -8.33
C GLY D 265 -9.04 12.80 -8.33
N GLY D 266 -8.46 12.02 -7.41
CA GLY D 266 -8.67 10.59 -7.37
C GLY D 266 -7.76 9.79 -8.28
N ALA D 267 -6.79 10.45 -8.91
CA ALA D 267 -5.95 9.82 -9.94
C ALA D 267 -5.22 8.58 -9.43
N HIS D 268 -4.71 8.64 -8.22
CA HIS D 268 -3.92 7.53 -7.67
C HIS D 268 -4.74 6.27 -7.41
N THR D 269 -6.05 6.37 -7.48
CA THR D 269 -6.92 5.21 -7.29
C THR D 269 -7.30 4.52 -8.57
N GLN D 270 -6.81 5.03 -9.70
CA GLN D 270 -7.19 4.50 -11.02
C GLN D 270 -5.94 4.11 -11.82
N LEU D 271 -5.97 2.96 -12.46
CA LEU D 271 -4.79 2.46 -13.18
C LEU D 271 -4.75 3.20 -14.49
N LEU D 272 -5.90 3.27 -15.13
CA LEU D 272 -6.13 4.24 -16.19
C LEU D 272 -7.63 4.48 -16.34
PA 9JJ E . -24.83 -0.96 13.28
O1A 9JJ E . -25.30 0.35 13.84
O2A 9JJ E . -25.55 -2.21 13.68
O5B 9JJ E . -24.83 -0.82 11.69
C5B 9JJ E . -25.26 -1.89 10.86
C4B 9JJ E . -26.38 -1.32 10.01
O4B 9JJ E . -26.48 -2.05 8.77
C3B 9JJ E . -27.71 -1.44 10.74
O3B 9JJ E . -28.39 -0.19 10.85
C2B 9JJ E . -28.50 -2.39 9.87
O2B 9JJ E . -29.89 -2.11 9.89
C1B 9JJ E . -27.86 -2.18 8.50
N9A 9JJ E . -28.27 -3.31 7.65
C8A 9JJ E . -28.06 -4.63 7.87
N7A 9JJ E . -28.64 -5.33 6.86
C5A 9JJ E . -29.22 -4.43 6.03
C6A 9JJ E . -29.95 -4.53 4.86
N6A 9JJ E . -30.23 -5.87 4.27
N1A 9JJ E . -30.39 -3.42 4.26
C2A 9JJ E . -30.15 -2.21 4.77
N3A 9JJ E . -29.46 -2.07 5.91
C4A 9JJ E . -28.99 -3.17 6.54
O3 9JJ E . -23.24 -1.15 13.42
PN 9JJ E . -22.18 0.02 13.08
O1N 9JJ E . -20.98 -0.31 13.90
O2N 9JJ E . -22.83 1.38 13.28
O5D 9JJ E . -21.84 -0.20 11.52
C5D 9JJ E . -21.94 0.81 10.53
C4D 9JJ E . -20.88 0.68 9.44
O4D 9JJ E . -19.58 1.07 9.90
C3D 9JJ E . -20.69 -0.74 8.93
O3D 9JJ E . -20.43 -0.68 7.52
C2D 9JJ E . -19.49 -1.25 9.67
O2D 9JJ E . -18.86 -2.33 8.99
C1D 9JJ E . -18.64 0.01 9.69
N1N 9JJ E . -17.58 0.01 10.71
C2N 9JJ E . -17.85 -0.25 12.00
C3N 9JJ E . -16.87 -0.25 12.94
C7N 9JJ E . -17.17 -0.53 14.39
O7N 9JJ E . -16.27 -0.89 15.12
N7N 9JJ E . -18.46 -0.37 14.93
C4N 9JJ E . -15.57 0.03 12.54
C5N 9JJ E . -15.32 0.30 11.20
C6N 9JJ E . -16.32 0.28 10.32
PA 9JJ F . -8.25 -19.55 -18.56
O1A 9JJ F . -7.17 -20.52 -18.91
O2A 9JJ F . -9.49 -19.40 -19.40
O5B 9JJ F . -8.73 -19.84 -17.05
C5B 9JJ F . -10.09 -20.06 -16.71
C4B 9JJ F . -10.12 -21.35 -15.90
O4B 9JJ F . -11.06 -21.24 -14.82
C3B 9JJ F . -10.53 -22.52 -16.78
O3B 9JJ F . -9.56 -23.57 -16.70
C2B 9JJ F . -11.87 -22.92 -16.18
O2B 9JJ F . -12.14 -24.32 -16.32
C1B 9JJ F . -11.75 -22.48 -14.73
N9A 9JJ F . -13.11 -22.45 -14.12
C8A 9JJ F . -14.14 -21.66 -14.46
N7A 9JJ F . -15.20 -21.99 -13.66
C5A 9JJ F . -14.81 -22.98 -12.85
C6A 9JJ F . -15.44 -23.71 -11.84
N6A 9JJ F . -16.85 -23.45 -11.46
N1A 9JJ F . -14.75 -24.67 -11.19
C2A 9JJ F . -13.47 -24.93 -11.49
N3A 9JJ F . -12.85 -24.24 -12.46
C4A 9JJ F . -13.49 -23.27 -13.14
O3 9JJ F . -7.60 -18.09 -18.30
PN 9JJ F . -6.21 -17.82 -17.53
O1N 9JJ F . -5.72 -16.51 -18.09
O2N 9JJ F . -5.29 -19.03 -17.61
O5D 9JJ F . -6.67 -17.60 -16.01
C5D 9JJ F . -6.10 -18.30 -14.90
C4D 9JJ F . -6.01 -17.39 -13.68
O4D 9JJ F . -5.00 -16.40 -13.88
C3D 9JJ F . -7.30 -16.63 -13.38
O3D 9JJ F . -7.50 -16.55 -11.96
C2D 9JJ F . -7.03 -15.25 -13.94
O2D 9JJ F . -7.82 -14.24 -13.34
C1D 9JJ F . -5.54 -15.09 -13.66
N1N 9JJ F . -4.87 -14.06 -14.47
C2N 9JJ F . -4.94 -14.02 -15.81
C3N 9JJ F . -4.30 -13.06 -16.50
C7N 9JJ F . -4.36 -12.96 -18.00
O7N 9JJ F . -4.09 -11.89 -18.52
N7N 9JJ F . -4.72 -14.09 -18.79
C4N 9JJ F . -3.57 -12.10 -15.82
C5N 9JJ F . -3.51 -12.16 -14.44
C6N 9JJ F . -4.16 -13.14 -13.79
B1 9JJ F . -8.86 -13.68 -14.12
O2 9JJ F . -9.86 -14.64 -14.52
C3 9JJ F . -10.12 -14.65 -15.92
C4 9JJ F . -9.16 -13.62 -16.47
C5 9JJ F . -8.44 -13.06 -15.46
C12 9JJ F . -7.48 -12.09 -15.70
C13 9JJ F . -7.28 -11.69 -17.02
C14 9JJ F . -8.02 -12.26 -18.06
C15 9JJ F . -8.97 -13.23 -17.79
O16 9JJ F . -6.34 -10.73 -17.31
C17 9JJ F . -6.68 -9.47 -17.73
C18 9JJ F . -7.98 -9.15 -18.10
C19 9JJ F . -8.29 -7.85 -18.51
C20 9JJ F . -7.28 -6.89 -18.55
C21 9JJ F . -5.98 -7.21 -18.18
C22 9JJ F . -5.68 -8.50 -17.77
C23 9JJ F . -7.59 -5.49 -18.99
F24 9JJ F . -6.96 -4.64 -18.20
F25 9JJ F . -7.17 -5.33 -20.24
F26 9JJ F . -8.89 -5.28 -18.91
O1 9JJ F . -9.54 -12.60 -13.29
PA 9JJ G . 25.79 -6.29 9.50
O1A 9JJ G . 26.07 -7.70 9.08
O2A 9JJ G . 26.26 -5.75 10.81
O5B 9JJ G . 26.40 -5.40 8.36
C5B 9JJ G . 26.38 -3.99 8.40
C4B 9JJ G . 27.26 -3.76 7.20
O4B 9JJ G . 27.22 -2.42 6.73
C3B 9JJ G . 28.70 -4.10 7.55
O3B 9JJ G . 29.15 -5.20 6.74
C2B 9JJ G . 29.48 -2.86 7.22
O2B 9JJ G . 30.77 -3.19 6.68
C1B 9JJ G . 28.53 -2.21 6.22
N9A 9JJ G . 28.80 -0.78 6.07
C8A 9JJ G . 28.53 0.18 6.95
N7A 9JJ G . 28.96 1.35 6.42
C5A 9JJ G . 29.51 1.08 5.21
C6A 9JJ G . 30.10 1.84 4.23
N6A 9JJ G . 30.23 3.30 4.41
N1A 9JJ G . 30.55 1.24 3.10
C2A 9JJ G . 30.44 -0.08 2.92
N3A 9JJ G . 29.86 -0.85 3.86
C4A 9JJ G . 29.40 -0.28 5.00
O3 9JJ G . 24.25 -5.91 9.31
PN 9JJ G . 23.09 -6.91 8.81
O1N 9JJ G . 22.16 -7.01 9.99
O2N 9JJ G . 23.66 -8.17 8.21
O5D 9JJ G . 22.49 -5.96 7.67
C5D 9JJ G . 22.51 -6.28 6.29
C4D 9JJ G . 21.44 -5.48 5.56
O4D 9JJ G . 20.17 -6.11 5.79
C3D 9JJ G . 21.30 -4.05 6.09
O3D 9JJ G . 21.00 -3.13 5.03
C2D 9JJ G . 20.13 -4.12 7.03
O2D 9JJ G . 19.44 -2.88 7.22
C1D 9JJ G . 19.27 -5.17 6.35
N1N 9JJ G . 18.35 -5.80 7.30
C2N 9JJ G . 18.79 -6.31 8.46
C3N 9JJ G . 17.92 -6.88 9.31
C7N 9JJ G . 18.34 -7.47 10.63
O7N 9JJ G . 17.55 -8.15 11.25
N7N 9JJ G . 19.63 -7.21 11.17
C4N 9JJ G . 16.57 -6.94 8.97
C5N 9JJ G . 16.16 -6.41 7.77
C6N 9JJ G . 17.06 -5.85 6.96
B1 9JJ G . 19.64 -2.22 8.47
O2 9JJ G . 21.01 -1.88 8.71
C3 9JJ G . 21.53 -2.36 9.95
C4 9JJ G . 20.34 -3.05 10.57
C5 9JJ G . 19.25 -2.98 9.75
C12 9JJ G . 18.03 -3.56 10.13
C13 9JJ G . 17.96 -4.19 11.37
C14 9JJ G . 19.09 -4.26 12.20
C15 9JJ G . 20.30 -3.68 11.81
O16 9JJ G . 16.80 -4.78 11.80
C17 9JJ G . 16.04 -4.31 12.83
C18 9JJ G . 16.38 -3.18 13.56
C19 9JJ G . 15.55 -2.74 14.59
C20 9JJ G . 14.38 -3.43 14.91
C21 9JJ G . 14.06 -4.57 14.19
C22 9JJ G . 14.87 -5.00 13.15
C23 9JJ G . 13.52 -2.95 16.04
F24 9JJ G . 12.35 -3.59 16.05
F25 9JJ G . 14.12 -3.16 17.18
F26 9JJ G . 13.31 -1.65 15.90
O1 9JJ G . 18.79 -0.94 8.46
PA 9JJ H . 7.52 26.83 -5.04
O1A 9JJ H . 6.56 27.99 -5.24
O2A 9JJ H . 8.82 26.80 -5.81
O5B 9JJ H . 7.81 26.74 -3.45
C5B 9JJ H . 9.04 26.24 -2.93
C4B 9JJ H . 9.16 26.77 -1.51
O4B 9JJ H . 10.26 26.16 -0.81
C3B 9JJ H . 9.42 28.27 -1.51
O3B 9JJ H . 8.27 28.99 -1.04
C2B 9JJ H . 10.62 28.48 -0.60
O2B 9JJ H . 10.39 29.53 0.35
C1B 9JJ H . 10.80 27.13 0.09
N9A 9JJ H . 12.23 26.87 0.41
C8A 9JJ H . 13.20 26.50 -0.43
N7A 9JJ H . 14.36 26.37 0.25
C5A 9JJ H . 14.10 26.67 1.55
C6A 9JJ H . 14.88 26.71 2.70
N6A 9JJ H . 16.34 26.37 2.65
N1A 9JJ H . 14.31 27.05 3.87
C2A 9JJ H . 13.01 27.35 3.94
N3A 9JJ H . 12.24 27.33 2.85
C4A 9JJ H . 12.76 26.98 1.64
O3 9JJ H . 6.77 25.42 -5.32
PN 9JJ H . 5.49 24.90 -4.48
O1N 9JJ H . 4.66 24.07 -5.43
O2N 9JJ H . 4.85 26.06 -3.76
O5D 9JJ H . 6.09 23.89 -3.36
C5D 9JJ H . 5.22 23.04 -2.58
C4D 9JJ H . 5.95 21.83 -1.99
O4D 9JJ H . 5.27 20.62 -2.28
C3D 9JJ H . 7.29 21.61 -2.64
O3D 9JJ H . 8.01 20.67 -1.82
C2D 9JJ H . 6.85 20.96 -3.94
O2D 9JJ H . 7.91 20.46 -4.74
C1D 9JJ H . 5.86 19.94 -3.41
N1N 9JJ H . 4.81 19.57 -4.35
C2N 9JJ H . 4.86 19.90 -5.65
C3N 9JJ H . 3.87 19.54 -6.48
C7N 9JJ H . 3.91 19.90 -7.93
O7N 9JJ H . 3.64 19.05 -8.77
N7N 9JJ H . 4.29 21.23 -8.30
C4N 9JJ H . 2.79 18.83 -5.99
C5N 9JJ H . 2.76 18.52 -4.64
C6N 9JJ H . 3.77 18.90 -3.85
B1 9JJ H . 8.67 21.42 -5.45
O2 9JJ H . 9.25 22.45 -4.64
C3 9JJ H . 10.67 22.59 -4.79
C4 9JJ H . 11.00 21.55 -5.82
C5 9JJ H . 9.89 20.87 -6.22
C12 9JJ H . 9.92 19.87 -7.17
C13 9JJ H . 11.16 19.57 -7.71
C14 9JJ H . 12.29 20.27 -7.30
C15 9JJ H . 12.23 21.27 -6.35
O16 9JJ H . 11.25 18.58 -8.66
C17 9JJ H . 12.46 18.10 -9.10
C18 9JJ H . 12.52 17.09 -10.03
C19 9JJ H . 13.75 16.62 -10.48
C20 9JJ H . 14.93 17.16 -9.99
C21 9JJ H . 14.89 18.17 -9.06
C22 9JJ H . 13.66 18.63 -8.62
C23 9JJ H . 16.25 16.64 -10.49
F24 9JJ H . 16.19 16.44 -11.79
F25 9JJ H . 17.19 17.54 -10.25
F26 9JJ H . 16.53 15.52 -9.83
O1 9JJ H . 7.76 22.14 -6.47
#